data_1D64
# 
_entry.id   1D64 
# 
_audit_conform.dict_name       mmcif_pdbx.dic 
_audit_conform.dict_version    5.385 
_audit_conform.dict_location   http://mmcif.pdb.org/dictionaries/ascii/mmcif_pdbx.dic 
# 
loop_
_database_2.database_id 
_database_2.database_code 
_database_2.pdbx_database_accession 
_database_2.pdbx_DOI 
PDB   1D64         pdb_00001d64 10.2210/pdb1d64/pdb 
RCSB  GDL015       ?            ?                   
WWPDB D_1000172665 ?            ?                   
# 
loop_
_pdbx_audit_revision_history.ordinal 
_pdbx_audit_revision_history.data_content_type 
_pdbx_audit_revision_history.major_revision 
_pdbx_audit_revision_history.minor_revision 
_pdbx_audit_revision_history.revision_date 
1 'Structure model' 1 0 1993-01-15 
2 'Structure model' 1 1 2008-05-22 
3 'Structure model' 1 2 2011-07-13 
4 'Structure model' 1 3 2024-02-07 
# 
_pdbx_audit_revision_details.ordinal             1 
_pdbx_audit_revision_details.revision_ordinal    1 
_pdbx_audit_revision_details.data_content_type   'Structure model' 
_pdbx_audit_revision_details.provider            repository 
_pdbx_audit_revision_details.type                'Initial release' 
_pdbx_audit_revision_details.description         ? 
_pdbx_audit_revision_details.details             ? 
# 
loop_
_pdbx_audit_revision_group.ordinal 
_pdbx_audit_revision_group.revision_ordinal 
_pdbx_audit_revision_group.data_content_type 
_pdbx_audit_revision_group.group 
1 2 'Structure model' 'Version format compliance' 
2 3 'Structure model' 'Version format compliance' 
3 4 'Structure model' 'Data collection'           
4 4 'Structure model' 'Database references'       
5 4 'Structure model' 'Derived calculations'      
# 
loop_
_pdbx_audit_revision_category.ordinal 
_pdbx_audit_revision_category.revision_ordinal 
_pdbx_audit_revision_category.data_content_type 
_pdbx_audit_revision_category.category 
1 4 'Structure model' chem_comp_atom 
2 4 'Structure model' chem_comp_bond 
3 4 'Structure model' database_2     
4 4 'Structure model' struct_site    
# 
loop_
_pdbx_audit_revision_item.ordinal 
_pdbx_audit_revision_item.revision_ordinal 
_pdbx_audit_revision_item.data_content_type 
_pdbx_audit_revision_item.item 
1 4 'Structure model' '_database_2.pdbx_DOI'                
2 4 'Structure model' '_database_2.pdbx_database_accession' 
3 4 'Structure model' '_struct_site.pdbx_auth_asym_id'      
4 4 'Structure model' '_struct_site.pdbx_auth_comp_id'      
5 4 'Structure model' '_struct_site.pdbx_auth_seq_id'       
# 
_pdbx_database_status.status_code                     REL 
_pdbx_database_status.entry_id                        1D64 
_pdbx_database_status.recvd_initial_deposition_date   1992-03-02 
_pdbx_database_status.deposit_site                    BNL 
_pdbx_database_status.process_site                    NDB 
_pdbx_database_status.status_code_sf                  REL 
_pdbx_database_status.status_code_mr                  ? 
_pdbx_database_status.SG_entry                        ? 
_pdbx_database_status.pdb_format_compatible           Y 
_pdbx_database_status.status_code_cs                  ? 
_pdbx_database_status.status_code_nmr_data            ? 
_pdbx_database_status.methods_development_category    ? 
# 
loop_
_audit_author.name 
_audit_author.pdbx_ordinal 
'Edwards, K.J.' 1 
'Jenkins, T.C.' 2 
'Neidle, S.'    3 
# 
_citation.id                        primary 
_citation.title                     
'Crystal structure of a pentamidine-oligonucleotide complex: implications for DNA-binding properties.' 
_citation.journal_abbrev            Biochemistry 
_citation.journal_volume            31 
_citation.page_first                7104 
_citation.page_last                 7109 
_citation.year                      1992 
_citation.journal_id_ASTM           BICHAW 
_citation.country                   US 
_citation.journal_id_ISSN           0006-2960 
_citation.journal_id_CSD            0033 
_citation.book_publisher            ? 
_citation.pdbx_database_id_PubMed   1643044 
_citation.pdbx_database_id_DOI      10.1021/bi00146a011 
# 
loop_
_citation_author.citation_id 
_citation_author.name 
_citation_author.ordinal 
_citation_author.identifier_ORCID 
primary 'Edwards, K.J.' 1 ? 
primary 'Jenkins, T.C.' 2 ? 
primary 'Neidle, S.'    3 ? 
# 
loop_
_entity.id 
_entity.type 
_entity.src_method 
_entity.pdbx_description 
_entity.formula_weight 
_entity.pdbx_number_of_molecules 
_entity.pdbx_ec 
_entity.pdbx_mutation 
_entity.pdbx_fragment 
_entity.details 
1 polymer     syn 
;DNA (5'-D(*CP*GP*CP*GP*AP*AP*TP*TP*CP*GP*CP*G)-3')
;
3663.392 2  ? ? ? ? 
2 non-polymer syn '1,5-BIS(4-AMIDINOPHENOXY)PENTANE'                   340.419  1  ? ? ? ? 
3 water       nat water                                                18.015   77 ? ? ? ? 
# 
_entity_poly.entity_id                      1 
_entity_poly.type                           polydeoxyribonucleotide 
_entity_poly.nstd_linkage                   no 
_entity_poly.nstd_monomer                   no 
_entity_poly.pdbx_seq_one_letter_code       '(DC)(DG)(DC)(DG)(DA)(DA)(DT)(DT)(DC)(DG)(DC)(DG)' 
_entity_poly.pdbx_seq_one_letter_code_can   CGCGAATTCGCG 
_entity_poly.pdbx_strand_id                 A,B 
_entity_poly.pdbx_target_identifier         ? 
# 
loop_
_pdbx_entity_nonpoly.entity_id 
_pdbx_entity_nonpoly.name 
_pdbx_entity_nonpoly.comp_id 
2 '1,5-BIS(4-AMIDINOPHENOXY)PENTANE' PNT 
3 water                              HOH 
# 
loop_
_entity_poly_seq.entity_id 
_entity_poly_seq.num 
_entity_poly_seq.mon_id 
_entity_poly_seq.hetero 
1 1  DC n 
1 2  DG n 
1 3  DC n 
1 4  DG n 
1 5  DA n 
1 6  DA n 
1 7  DT n 
1 8  DT n 
1 9  DC n 
1 10 DG n 
1 11 DC n 
1 12 DG n 
# 
loop_
_chem_comp.id 
_chem_comp.type 
_chem_comp.mon_nstd_flag 
_chem_comp.name 
_chem_comp.pdbx_synonyms 
_chem_comp.formula 
_chem_comp.formula_weight 
DA  'DNA linking' y "2'-DEOXYADENOSINE-5'-MONOPHOSPHATE" ? 'C10 H14 N5 O6 P' 331.222 
DC  'DNA linking' y "2'-DEOXYCYTIDINE-5'-MONOPHOSPHATE"  ? 'C9 H14 N3 O7 P'  307.197 
DG  'DNA linking' y "2'-DEOXYGUANOSINE-5'-MONOPHOSPHATE" ? 'C10 H14 N5 O7 P' 347.221 
DT  'DNA linking' y "THYMIDINE-5'-MONOPHOSPHATE"         ? 'C10 H15 N2 O8 P' 322.208 
HOH non-polymer   . WATER                                ? 'H2 O'            18.015  
PNT non-polymer   . '1,5-BIS(4-AMIDINOPHENOXY)PENTANE'   ? 'C19 H24 N4 O2'   340.419 
# 
loop_
_pdbx_poly_seq_scheme.asym_id 
_pdbx_poly_seq_scheme.entity_id 
_pdbx_poly_seq_scheme.seq_id 
_pdbx_poly_seq_scheme.mon_id 
_pdbx_poly_seq_scheme.ndb_seq_num 
_pdbx_poly_seq_scheme.pdb_seq_num 
_pdbx_poly_seq_scheme.auth_seq_num 
_pdbx_poly_seq_scheme.pdb_mon_id 
_pdbx_poly_seq_scheme.auth_mon_id 
_pdbx_poly_seq_scheme.pdb_strand_id 
_pdbx_poly_seq_scheme.pdb_ins_code 
_pdbx_poly_seq_scheme.hetero 
A 1 1  DC 1  1  1  DC C A . n 
A 1 2  DG 2  2  2  DG G A . n 
A 1 3  DC 3  3  3  DC C A . n 
A 1 4  DG 4  4  4  DG G A . n 
A 1 5  DA 5  5  5  DA A A . n 
A 1 6  DA 6  6  6  DA A A . n 
A 1 7  DT 7  7  7  DT T A . n 
A 1 8  DT 8  8  8  DT T A . n 
A 1 9  DC 9  9  9  DC C A . n 
A 1 10 DG 10 10 10 DG G A . n 
A 1 11 DC 11 11 11 DC C A . n 
A 1 12 DG 12 12 12 DG G A . n 
B 1 1  DC 1  13 13 DC C B . n 
B 1 2  DG 2  14 14 DG G B . n 
B 1 3  DC 3  15 15 DC C B . n 
B 1 4  DG 4  16 16 DG G B . n 
B 1 5  DA 5  17 17 DA A B . n 
B 1 6  DA 6  18 18 DA A B . n 
B 1 7  DT 7  19 19 DT T B . n 
B 1 8  DT 8  20 20 DT T B . n 
B 1 9  DC 9  21 21 DC C B . n 
B 1 10 DG 10 22 22 DG G B . n 
B 1 11 DC 11 23 23 DC C B . n 
B 1 12 DG 12 24 24 DG G B . n 
# 
loop_
_pdbx_nonpoly_scheme.asym_id 
_pdbx_nonpoly_scheme.entity_id 
_pdbx_nonpoly_scheme.mon_id 
_pdbx_nonpoly_scheme.ndb_seq_num 
_pdbx_nonpoly_scheme.pdb_seq_num 
_pdbx_nonpoly_scheme.auth_seq_num 
_pdbx_nonpoly_scheme.pdb_mon_id 
_pdbx_nonpoly_scheme.auth_mon_id 
_pdbx_nonpoly_scheme.pdb_strand_id 
_pdbx_nonpoly_scheme.pdb_ins_code 
C 2 PNT 1  25  25  PNT PNT B . 
D 3 HOH 1  27  27  HOH HOH A . 
D 3 HOH 2  29  29  HOH HOH A . 
D 3 HOH 3  30  30  HOH HOH A . 
D 3 HOH 4  31  31  HOH HOH A . 
D 3 HOH 5  34  34  HOH HOH A . 
D 3 HOH 6  35  35  HOH HOH A . 
D 3 HOH 7  36  36  HOH HOH A . 
D 3 HOH 8  39  39  HOH HOH A . 
D 3 HOH 9  40  40  HOH HOH A . 
D 3 HOH 10 44  44  HOH HOH A . 
D 3 HOH 11 47  47  HOH HOH A . 
D 3 HOH 12 48  48  HOH HOH A . 
D 3 HOH 13 49  49  HOH HOH A . 
D 3 HOH 14 52  52  HOH HOH A . 
D 3 HOH 15 53  53  HOH HOH A . 
D 3 HOH 16 55  55  HOH HOH A . 
D 3 HOH 17 57  57  HOH HOH A . 
D 3 HOH 18 59  59  HOH HOH A . 
D 3 HOH 19 61  61  HOH HOH A . 
D 3 HOH 20 63  63  HOH HOH A . 
D 3 HOH 21 64  64  HOH HOH A . 
D 3 HOH 22 66  66  HOH HOH A . 
D 3 HOH 23 73  73  HOH HOH A . 
D 3 HOH 24 76  76  HOH HOH A . 
D 3 HOH 25 79  79  HOH HOH A . 
D 3 HOH 26 83  83  HOH HOH A . 
D 3 HOH 27 85  85  HOH HOH A . 
D 3 HOH 28 86  86  HOH HOH A . 
D 3 HOH 29 88  88  HOH HOH A . 
D 3 HOH 30 92  92  HOH HOH A . 
D 3 HOH 31 93  93  HOH HOH A . 
D 3 HOH 32 94  94  HOH HOH A . 
D 3 HOH 33 96  96  HOH HOH A . 
D 3 HOH 34 97  97  HOH HOH A . 
D 3 HOH 35 98  98  HOH HOH A . 
D 3 HOH 36 100 100 HOH HOH A . 
D 3 HOH 37 102 102 HOH HOH A . 
E 3 HOH 1  26  26  HOH HOH B . 
E 3 HOH 2  28  28  HOH HOH B . 
E 3 HOH 3  32  32  HOH HOH B . 
E 3 HOH 4  33  33  HOH HOH B . 
E 3 HOH 5  37  37  HOH HOH B . 
E 3 HOH 6  38  38  HOH HOH B . 
E 3 HOH 7  41  41  HOH HOH B . 
E 3 HOH 8  42  42  HOH HOH B . 
E 3 HOH 9  43  43  HOH HOH B . 
E 3 HOH 10 45  45  HOH HOH B . 
E 3 HOH 11 46  46  HOH HOH B . 
E 3 HOH 12 50  50  HOH HOH B . 
E 3 HOH 13 51  51  HOH HOH B . 
E 3 HOH 14 54  54  HOH HOH B . 
E 3 HOH 15 56  56  HOH HOH B . 
E 3 HOH 16 58  58  HOH HOH B . 
E 3 HOH 17 60  60  HOH HOH B . 
E 3 HOH 18 62  62  HOH HOH B . 
E 3 HOH 19 65  65  HOH HOH B . 
E 3 HOH 20 67  67  HOH HOH B . 
E 3 HOH 21 68  68  HOH HOH B . 
E 3 HOH 22 69  69  HOH HOH B . 
E 3 HOH 23 70  70  HOH HOH B . 
E 3 HOH 24 71  71  HOH HOH B . 
E 3 HOH 25 72  72  HOH HOH B . 
E 3 HOH 26 74  74  HOH HOH B . 
E 3 HOH 27 75  75  HOH HOH B . 
E 3 HOH 28 77  77  HOH HOH B . 
E 3 HOH 29 78  78  HOH HOH B . 
E 3 HOH 30 80  80  HOH HOH B . 
E 3 HOH 31 81  81  HOH HOH B . 
E 3 HOH 32 82  82  HOH HOH B . 
E 3 HOH 33 84  84  HOH HOH B . 
E 3 HOH 34 87  87  HOH HOH B . 
E 3 HOH 35 89  89  HOH HOH B . 
E 3 HOH 36 90  90  HOH HOH B . 
E 3 HOH 37 91  91  HOH HOH B . 
E 3 HOH 38 95  95  HOH HOH B . 
E 3 HOH 39 99  99  HOH HOH B . 
E 3 HOH 40 101 101 HOH HOH B . 
# 
_software.name             NUCLSQ 
_software.classification   refinement 
_software.version          . 
_software.citation_id      ? 
_software.pdbx_ordinal     1 
# 
_cell.entry_id           1D64 
_cell.length_a           24.370 
_cell.length_b           40.000 
_cell.length_c           66.070 
_cell.angle_alpha        90.00 
_cell.angle_beta         90.00 
_cell.angle_gamma        90.00 
_cell.Z_PDB              8 
_cell.pdbx_unique_axis   ? 
# 
_symmetry.entry_id                         1D64 
_symmetry.space_group_name_H-M             'P 21 21 21' 
_symmetry.pdbx_full_space_group_name_H-M   ? 
_symmetry.cell_setting                     ? 
_symmetry.Int_Tables_number                19 
# 
_exptl.entry_id          1D64 
_exptl.method            'X-RAY DIFFRACTION' 
_exptl.crystals_number   ? 
# 
_exptl_crystal.id                    1 
_exptl_crystal.density_meas          ? 
_exptl_crystal.density_Matthews      2.20 
_exptl_crystal.density_percent_sol   44.03 
_exptl_crystal.description           ? 
# 
_exptl_crystal_grow.crystal_id      1 
_exptl_crystal_grow.method          'VAPOR DIFFUSION, SITTING DROP' 
_exptl_crystal_grow.temp            289.00 
_exptl_crystal_grow.temp_details    ? 
_exptl_crystal_grow.pH              7.00 
_exptl_crystal_grow.pdbx_details    'pH 7.00, VAPOR DIFFUSION, SITTING DROP, temperature 289.00K' 
_exptl_crystal_grow.pdbx_pH_range   ? 
# 
loop_
_exptl_crystal_grow_comp.crystal_id 
_exptl_crystal_grow_comp.id 
_exptl_crystal_grow_comp.sol_id 
_exptl_crystal_grow_comp.name 
_exptl_crystal_grow_comp.volume 
_exptl_crystal_grow_comp.conc 
_exptl_crystal_grow_comp.details 
1 1 1 WATER           ? ? ? 
1 2 1 MPD             ? ? ? 
1 3 1 MGCL2           ? ? ? 
1 4 1 'NA CACODYLATE' ? ? ? 
1 5 2 WATER           ? ? ? 
1 6 2 MPD             ? ? ? 
# 
_diffrn.id                     1 
_diffrn.ambient_temp           292.00 
_diffrn.ambient_temp_details   ? 
_diffrn.crystal_id             1 
# 
_diffrn_detector.diffrn_id              1 
_diffrn_detector.detector               'AREA DETECTOR' 
_diffrn_detector.type                   XENTRONICS 
_diffrn_detector.pdbx_collection_date   ? 
_diffrn_detector.details                ? 
# 
_diffrn_radiation.diffrn_id                        1 
_diffrn_radiation.wavelength_id                    1 
_diffrn_radiation.pdbx_monochromatic_or_laue_m_l   ? 
_diffrn_radiation.monochromator                    ? 
_diffrn_radiation.pdbx_diffrn_protocol             ? 
_diffrn_radiation.pdbx_scattering_type             x-ray 
# 
_diffrn_radiation_wavelength.id           1 
_diffrn_radiation_wavelength.wavelength   1.5418 
_diffrn_radiation_wavelength.wt           1.0 
# 
_diffrn_source.diffrn_id                   1 
_diffrn_source.source                      'ROTATING ANODE' 
_diffrn_source.type                        'ENRAF-NONIUS FR571' 
_diffrn_source.pdbx_synchrotron_site       ? 
_diffrn_source.pdbx_synchrotron_beamline   ? 
_diffrn_source.pdbx_wavelength             1.5418 
_diffrn_source.pdbx_wavelength_list        ? 
# 
_reflns.entry_id                     1D64 
_reflns.observed_criterion_sigma_I   ? 
_reflns.observed_criterion_sigma_F   ? 
_reflns.d_resolution_low             ? 
_reflns.d_resolution_high            2.100 
_reflns.number_obs                   3824 
_reflns.number_all                   10630 
_reflns.percent_possible_obs         ? 
_reflns.pdbx_Rmerge_I_obs            0.0699000 
_reflns.pdbx_Rsym_value              ? 
_reflns.pdbx_netI_over_sigmaI        ? 
_reflns.B_iso_Wilson_estimate        ? 
_reflns.pdbx_redundancy              ? 
_reflns.pdbx_diffrn_id               1 
_reflns.pdbx_ordinal                 1 
# 
_refine.entry_id                                 1D64 
_refine.ls_number_reflns_obs                     3113 
_refine.ls_number_reflns_all                     ? 
_refine.pdbx_ls_sigma_I                          2.000 
_refine.pdbx_ls_sigma_F                          ? 
_refine.pdbx_data_cutoff_high_absF               ? 
_refine.pdbx_data_cutoff_low_absF                ? 
_refine.pdbx_data_cutoff_high_rms_absF           ? 
_refine.ls_d_res_low                             7.000 
_refine.ls_d_res_high                            2.100 
_refine.ls_percent_reflns_obs                    ? 
_refine.ls_R_factor_obs                          0.1940000 
_refine.ls_R_factor_all                          ? 
_refine.ls_R_factor_R_work                       ? 
_refine.ls_R_factor_R_free                       ? 
_refine.ls_R_factor_R_free_error                 ? 
_refine.ls_R_factor_R_free_error_details         ? 
_refine.ls_percent_reflns_R_free                 ? 
_refine.ls_number_reflns_R_free                  ? 
_refine.ls_number_parameters                     ? 
_refine.ls_number_restraints                     ? 
_refine.occupancy_min                            ? 
_refine.occupancy_max                            ? 
_refine.B_iso_mean                               ? 
_refine.aniso_B[1][1]                            ? 
_refine.aniso_B[2][2]                            ? 
_refine.aniso_B[3][3]                            ? 
_refine.aniso_B[1][2]                            ? 
_refine.aniso_B[1][3]                            ? 
_refine.aniso_B[2][3]                            ? 
_refine.solvent_model_details                    ? 
_refine.solvent_model_param_ksol                 ? 
_refine.solvent_model_param_bsol                 ? 
_refine.pdbx_ls_cross_valid_method               ? 
_refine.details                                  ? 
_refine.pdbx_starting_model                      ? 
_refine.pdbx_method_to_determine_struct          ? 
_refine.pdbx_isotropic_thermal_model             ? 
_refine.pdbx_stereochemistry_target_values       ? 
_refine.pdbx_stereochem_target_val_spec_case     ? 
_refine.pdbx_R_Free_selection_details            ? 
_refine.pdbx_overall_ESU_R                       ? 
_refine.pdbx_overall_ESU_R_Free                  ? 
_refine.overall_SU_ML                            ? 
_refine.overall_SU_B                             ? 
_refine.pdbx_refine_id                           'X-RAY DIFFRACTION' 
_refine.pdbx_diffrn_id                           1 
_refine.pdbx_TLS_residual_ADP_flag               ? 
_refine.correlation_coeff_Fo_to_Fc               ? 
_refine.correlation_coeff_Fo_to_Fc_free          ? 
_refine.pdbx_solvent_vdw_probe_radii             ? 
_refine.pdbx_solvent_ion_probe_radii             ? 
_refine.pdbx_solvent_shrinkage_radii             ? 
_refine.pdbx_overall_phase_error                 ? 
_refine.overall_SU_R_Cruickshank_DPI             ? 
_refine.pdbx_overall_SU_R_free_Cruickshank_DPI   ? 
_refine.pdbx_overall_SU_R_Blow_DPI               ? 
_refine.pdbx_overall_SU_R_free_Blow_DPI          ? 
# 
_refine_hist.pdbx_refine_id                   'X-RAY DIFFRACTION' 
_refine_hist.cycle_id                         LAST 
_refine_hist.pdbx_number_atoms_protein        0 
_refine_hist.pdbx_number_atoms_nucleic_acid   486 
_refine_hist.pdbx_number_atoms_ligand         25 
_refine_hist.number_atoms_solvent             77 
_refine_hist.number_atoms_total               588 
_refine_hist.d_res_high                       2.100 
_refine_hist.d_res_low                        7.000 
# 
loop_
_refine_ls_restr.type 
_refine_ls_restr.dev_ideal 
_refine_ls_restr.dev_ideal_target 
_refine_ls_restr.weight 
_refine_ls_restr.number 
_refine_ls_restr.pdbx_refine_id 
_refine_ls_restr.pdbx_restraint_function 
n_bond_d               ?     ? ? ? 'X-RAY DIFFRACTION' ? 
n_angle_d              ?     ? ? ? 'X-RAY DIFFRACTION' ? 
n_planar_d             ?     ? ? ? 'X-RAY DIFFRACTION' ? 
n_hb_or_metal_coord    ?     ? ? ? 'X-RAY DIFFRACTION' ? 
n_sugar_bond_it        ?     ? ? ? 'X-RAY DIFFRACTION' ? 
n_sugar_angle_it       ?     ? ? ? 'X-RAY DIFFRACTION' ? 
n_phos_bond_it         ?     ? ? ? 'X-RAY DIFFRACTION' ? 
n_phos_angle_it        ?     ? ? ? 'X-RAY DIFFRACTION' ? 
n_bond_angle_restr     ?     ? ? ? 'X-RAY DIFFRACTION' ? 
n_dihedral_angle_restr ?     ? ? ? 'X-RAY DIFFRACTION' ? 
n_impr_tor             ?     ? ? ? 'X-RAY DIFFRACTION' ? 
n_sugar_bond_d         0.017 ? ? ? 'X-RAY DIFFRACTION' ? 
n_sugar_bond_angle_d   0.030 ? ? ? 'X-RAY DIFFRACTION' ? 
n_phos_bond_d          0.032 ? ? ? 'X-RAY DIFFRACTION' ? 
n_phos_bond_angle_d    0.041 ? ? ? 'X-RAY DIFFRACTION' ? 
n_plane_restr          ?     ? ? ? 'X-RAY DIFFRACTION' ? 
n_chiral_restr         ?     ? ? ? 'X-RAY DIFFRACTION' ? 
n_singtor_nbd          ?     ? ? ? 'X-RAY DIFFRACTION' ? 
n_multtor_nbd          ?     ? ? ? 'X-RAY DIFFRACTION' ? 
n_xhyhbond_nbd         ?     ? ? ? 'X-RAY DIFFRACTION' ? 
# 
_struct.entry_id                  1D64 
_struct.title                     
'CRYSTAL STRUCTURE OF A PENTAMIDINE-OLIGONUCLEOTIDE COMPLEX: IMPLICATIONS FOR DNA-BINDING PROPERTIES' 
_struct.pdbx_model_details        ? 
_struct.pdbx_CASP_flag            ? 
_struct.pdbx_model_type_details   ? 
# 
_struct_keywords.entry_id        1D64 
_struct_keywords.pdbx_keywords   DNA 
_struct_keywords.text            'B-DNA, DOUBLE HELIX, COMPLEXED WITH DRUG, DNA' 
# 
loop_
_struct_asym.id 
_struct_asym.pdbx_blank_PDB_chainid_flag 
_struct_asym.pdbx_modified 
_struct_asym.entity_id 
_struct_asym.details 
A N N 1 ? 
B N N 1 ? 
C N N 2 ? 
D N N 3 ? 
E N N 3 ? 
# 
_struct_ref.id                         1 
_struct_ref.entity_id                  1 
_struct_ref.db_name                    PDB 
_struct_ref.db_code                    1D64 
_struct_ref.pdbx_db_accession          1D64 
_struct_ref.pdbx_db_isoform            ? 
_struct_ref.pdbx_seq_one_letter_code   ? 
_struct_ref.pdbx_align_begin           ? 
# 
loop_
_struct_ref_seq.align_id 
_struct_ref_seq.ref_id 
_struct_ref_seq.pdbx_PDB_id_code 
_struct_ref_seq.pdbx_strand_id 
_struct_ref_seq.seq_align_beg 
_struct_ref_seq.pdbx_seq_align_beg_ins_code 
_struct_ref_seq.seq_align_end 
_struct_ref_seq.pdbx_seq_align_end_ins_code 
_struct_ref_seq.pdbx_db_accession 
_struct_ref_seq.db_align_beg 
_struct_ref_seq.pdbx_db_align_beg_ins_code 
_struct_ref_seq.db_align_end 
_struct_ref_seq.pdbx_db_align_end_ins_code 
_struct_ref_seq.pdbx_auth_seq_align_beg 
_struct_ref_seq.pdbx_auth_seq_align_end 
1 1 1D64 A 1 ? 12 ? 1D64 1  ? 12 ? 1  12 
2 1 1D64 B 1 ? 12 ? 1D64 13 ? 24 ? 13 24 
# 
_pdbx_struct_assembly.id                   1 
_pdbx_struct_assembly.details              author_defined_assembly 
_pdbx_struct_assembly.method_details       ? 
_pdbx_struct_assembly.oligomeric_details   dimeric 
_pdbx_struct_assembly.oligomeric_count     2 
# 
_pdbx_struct_assembly_gen.assembly_id       1 
_pdbx_struct_assembly_gen.oper_expression   1 
_pdbx_struct_assembly_gen.asym_id_list      A,B,C,D,E 
# 
_pdbx_struct_oper_list.id                   1 
_pdbx_struct_oper_list.type                 'identity operation' 
_pdbx_struct_oper_list.name                 1_555 
_pdbx_struct_oper_list.symmetry_operation   x,y,z 
_pdbx_struct_oper_list.matrix[1][1]         1.0000000000 
_pdbx_struct_oper_list.matrix[1][2]         0.0000000000 
_pdbx_struct_oper_list.matrix[1][3]         0.0000000000 
_pdbx_struct_oper_list.vector[1]            0.0000000000 
_pdbx_struct_oper_list.matrix[2][1]         0.0000000000 
_pdbx_struct_oper_list.matrix[2][2]         1.0000000000 
_pdbx_struct_oper_list.matrix[2][3]         0.0000000000 
_pdbx_struct_oper_list.vector[2]            0.0000000000 
_pdbx_struct_oper_list.matrix[3][1]         0.0000000000 
_pdbx_struct_oper_list.matrix[3][2]         0.0000000000 
_pdbx_struct_oper_list.matrix[3][3]         1.0000000000 
_pdbx_struct_oper_list.vector[3]            0.0000000000 
# 
_struct_biol.id   1 
# 
loop_
_struct_conn.id 
_struct_conn.conn_type_id 
_struct_conn.pdbx_leaving_atom_flag 
_struct_conn.pdbx_PDB_id 
_struct_conn.ptnr1_label_asym_id 
_struct_conn.ptnr1_label_comp_id 
_struct_conn.ptnr1_label_seq_id 
_struct_conn.ptnr1_label_atom_id 
_struct_conn.pdbx_ptnr1_label_alt_id 
_struct_conn.pdbx_ptnr1_PDB_ins_code 
_struct_conn.pdbx_ptnr1_standard_comp_id 
_struct_conn.ptnr1_symmetry 
_struct_conn.ptnr2_label_asym_id 
_struct_conn.ptnr2_label_comp_id 
_struct_conn.ptnr2_label_seq_id 
_struct_conn.ptnr2_label_atom_id 
_struct_conn.pdbx_ptnr2_label_alt_id 
_struct_conn.pdbx_ptnr2_PDB_ins_code 
_struct_conn.ptnr1_auth_asym_id 
_struct_conn.ptnr1_auth_comp_id 
_struct_conn.ptnr1_auth_seq_id 
_struct_conn.ptnr2_auth_asym_id 
_struct_conn.ptnr2_auth_comp_id 
_struct_conn.ptnr2_auth_seq_id 
_struct_conn.ptnr2_symmetry 
_struct_conn.pdbx_ptnr3_label_atom_id 
_struct_conn.pdbx_ptnr3_label_seq_id 
_struct_conn.pdbx_ptnr3_label_comp_id 
_struct_conn.pdbx_ptnr3_label_asym_id 
_struct_conn.pdbx_ptnr3_label_alt_id 
_struct_conn.pdbx_ptnr3_PDB_ins_code 
_struct_conn.details 
_struct_conn.pdbx_dist_value 
_struct_conn.pdbx_value_order 
_struct_conn.pdbx_role 
hydrog1  hydrog ? ? A DC 1  N3 ? ? ? 1_555 B DG 12 N1 ? ? A DC 1  B DG 24 1_555 ? ? ? ? ? ? WATSON-CRICK ? ? ? 
hydrog2  hydrog ? ? A DC 1  N4 ? ? ? 1_555 B DG 12 O6 ? ? A DC 1  B DG 24 1_555 ? ? ? ? ? ? WATSON-CRICK ? ? ? 
hydrog3  hydrog ? ? A DC 1  O2 ? ? ? 1_555 B DG 12 N2 ? ? A DC 1  B DG 24 1_555 ? ? ? ? ? ? WATSON-CRICK ? ? ? 
hydrog4  hydrog ? ? A DG 2  N1 ? ? ? 1_555 B DC 11 N3 ? ? A DG 2  B DC 23 1_555 ? ? ? ? ? ? WATSON-CRICK ? ? ? 
hydrog5  hydrog ? ? A DG 2  N2 ? ? ? 1_555 B DC 11 O2 ? ? A DG 2  B DC 23 1_555 ? ? ? ? ? ? WATSON-CRICK ? ? ? 
hydrog6  hydrog ? ? A DG 2  O6 ? ? ? 1_555 B DC 11 N4 ? ? A DG 2  B DC 23 1_555 ? ? ? ? ? ? WATSON-CRICK ? ? ? 
hydrog7  hydrog ? ? A DC 3  N3 ? ? ? 1_555 B DG 10 N1 ? ? A DC 3  B DG 22 1_555 ? ? ? ? ? ? WATSON-CRICK ? ? ? 
hydrog8  hydrog ? ? A DC 3  N4 ? ? ? 1_555 B DG 10 O6 ? ? A DC 3  B DG 22 1_555 ? ? ? ? ? ? WATSON-CRICK ? ? ? 
hydrog9  hydrog ? ? A DC 3  O2 ? ? ? 1_555 B DG 10 N2 ? ? A DC 3  B DG 22 1_555 ? ? ? ? ? ? WATSON-CRICK ? ? ? 
hydrog10 hydrog ? ? A DG 4  N1 ? ? ? 1_555 B DC 9  N3 ? ? A DG 4  B DC 21 1_555 ? ? ? ? ? ? WATSON-CRICK ? ? ? 
hydrog11 hydrog ? ? A DG 4  N2 ? ? ? 1_555 B DC 9  O2 ? ? A DG 4  B DC 21 1_555 ? ? ? ? ? ? WATSON-CRICK ? ? ? 
hydrog12 hydrog ? ? A DG 4  O6 ? ? ? 1_555 B DC 9  N4 ? ? A DG 4  B DC 21 1_555 ? ? ? ? ? ? WATSON-CRICK ? ? ? 
hydrog13 hydrog ? ? A DA 5  N1 ? ? ? 1_555 B DT 8  N3 ? ? A DA 5  B DT 20 1_555 ? ? ? ? ? ? WATSON-CRICK ? ? ? 
hydrog14 hydrog ? ? A DA 5  N6 ? ? ? 1_555 B DT 8  O4 ? ? A DA 5  B DT 20 1_555 ? ? ? ? ? ? WATSON-CRICK ? ? ? 
hydrog15 hydrog ? ? A DA 6  N1 ? ? ? 1_555 B DT 7  N3 ? ? A DA 6  B DT 19 1_555 ? ? ? ? ? ? WATSON-CRICK ? ? ? 
hydrog16 hydrog ? ? A DA 6  N6 ? ? ? 1_555 B DT 7  O4 ? ? A DA 6  B DT 19 1_555 ? ? ? ? ? ? WATSON-CRICK ? ? ? 
hydrog17 hydrog ? ? A DT 7  N3 ? ? ? 1_555 B DA 6  N1 ? ? A DT 7  B DA 18 1_555 ? ? ? ? ? ? WATSON-CRICK ? ? ? 
hydrog18 hydrog ? ? A DT 7  O4 ? ? ? 1_555 B DA 6  N6 ? ? A DT 7  B DA 18 1_555 ? ? ? ? ? ? WATSON-CRICK ? ? ? 
hydrog19 hydrog ? ? A DT 8  N3 ? ? ? 1_555 B DA 5  N1 ? ? A DT 8  B DA 17 1_555 ? ? ? ? ? ? WATSON-CRICK ? ? ? 
hydrog20 hydrog ? ? A DT 8  O4 ? ? ? 1_555 B DA 5  N6 ? ? A DT 8  B DA 17 1_555 ? ? ? ? ? ? WATSON-CRICK ? ? ? 
hydrog21 hydrog ? ? A DC 9  N3 ? ? ? 1_555 B DG 4  N1 ? ? A DC 9  B DG 16 1_555 ? ? ? ? ? ? WATSON-CRICK ? ? ? 
hydrog22 hydrog ? ? A DC 9  N4 ? ? ? 1_555 B DG 4  O6 ? ? A DC 9  B DG 16 1_555 ? ? ? ? ? ? WATSON-CRICK ? ? ? 
hydrog23 hydrog ? ? A DC 9  O2 ? ? ? 1_555 B DG 4  N2 ? ? A DC 9  B DG 16 1_555 ? ? ? ? ? ? WATSON-CRICK ? ? ? 
hydrog24 hydrog ? ? A DG 10 N1 ? ? ? 1_555 B DC 3  N3 ? ? A DG 10 B DC 15 1_555 ? ? ? ? ? ? WATSON-CRICK ? ? ? 
hydrog25 hydrog ? ? A DG 10 N2 ? ? ? 1_555 B DC 3  O2 ? ? A DG 10 B DC 15 1_555 ? ? ? ? ? ? WATSON-CRICK ? ? ? 
hydrog26 hydrog ? ? A DG 10 O6 ? ? ? 1_555 B DC 3  N4 ? ? A DG 10 B DC 15 1_555 ? ? ? ? ? ? WATSON-CRICK ? ? ? 
hydrog27 hydrog ? ? A DC 11 N3 ? ? ? 1_555 B DG 2  N1 ? ? A DC 11 B DG 14 1_555 ? ? ? ? ? ? WATSON-CRICK ? ? ? 
hydrog28 hydrog ? ? A DC 11 N4 ? ? ? 1_555 B DG 2  O6 ? ? A DC 11 B DG 14 1_555 ? ? ? ? ? ? WATSON-CRICK ? ? ? 
hydrog29 hydrog ? ? A DC 11 O2 ? ? ? 1_555 B DG 2  N2 ? ? A DC 11 B DG 14 1_555 ? ? ? ? ? ? WATSON-CRICK ? ? ? 
hydrog30 hydrog ? ? A DG 12 N1 ? ? ? 1_555 B DC 1  N3 ? ? A DG 12 B DC 13 1_555 ? ? ? ? ? ? WATSON-CRICK ? ? ? 
hydrog31 hydrog ? ? A DG 12 N2 ? ? ? 1_555 B DC 1  O2 ? ? A DG 12 B DC 13 1_555 ? ? ? ? ? ? WATSON-CRICK ? ? ? 
hydrog32 hydrog ? ? A DG 12 O6 ? ? ? 1_555 B DC 1  N4 ? ? A DG 12 B DC 13 1_555 ? ? ? ? ? ? WATSON-CRICK ? ? ? 
# 
_struct_conn_type.id          hydrog 
_struct_conn_type.criteria    ? 
_struct_conn_type.reference   ? 
# 
loop_
_struct_site.id 
_struct_site.pdbx_evidence_code 
_struct_site.pdbx_auth_asym_id 
_struct_site.pdbx_auth_comp_id 
_struct_site.pdbx_auth_seq_id 
_struct_site.pdbx_auth_ins_code 
_struct_site.pdbx_num_residues 
_struct_site.details 
AC1 Software B PNT 25 ? 10 'BINDING SITE FOR RESIDUE PNT B 25' 
1   ?        ? ?   ?  ? ?  ?                                   
# 
loop_
_struct_site_gen.id 
_struct_site_gen.site_id 
_struct_site_gen.pdbx_num_res 
_struct_site_gen.label_comp_id 
_struct_site_gen.label_asym_id 
_struct_site_gen.label_seq_id 
_struct_site_gen.pdbx_auth_ins_code 
_struct_site_gen.auth_comp_id 
_struct_site_gen.auth_asym_id 
_struct_site_gen.auth_seq_id 
_struct_site_gen.label_atom_id 
_struct_site_gen.label_alt_id 
_struct_site_gen.symmetry 
_struct_site_gen.details 
1  AC1 10 DA A 5 ? DA A 5  . ? 1_555 ? 
2  AC1 10 DA A 6 ? DA A 6  . ? 1_555 ? 
3  AC1 10 DT A 7 ? DT A 7  . ? 1_555 ? 
4  AC1 10 DT A 8 ? DT A 8  . ? 1_555 ? 
5  AC1 10 DC A 9 ? DC A 9  . ? 1_555 ? 
6  AC1 10 DA B 5 ? DA B 17 . ? 1_555 ? 
7  AC1 10 DA B 6 ? DA B 18 . ? 1_555 ? 
8  AC1 10 DT B 7 ? DT B 19 . ? 1_555 ? 
9  AC1 10 DT B 8 ? DT B 20 . ? 1_555 ? 
10 AC1 10 DC B 9 ? DC B 21 . ? 1_555 ? 
# 
loop_
_pdbx_validate_close_contact.id 
_pdbx_validate_close_contact.PDB_model_num 
_pdbx_validate_close_contact.auth_atom_id_1 
_pdbx_validate_close_contact.auth_asym_id_1 
_pdbx_validate_close_contact.auth_comp_id_1 
_pdbx_validate_close_contact.auth_seq_id_1 
_pdbx_validate_close_contact.PDB_ins_code_1 
_pdbx_validate_close_contact.label_alt_id_1 
_pdbx_validate_close_contact.auth_atom_id_2 
_pdbx_validate_close_contact.auth_asym_id_2 
_pdbx_validate_close_contact.auth_comp_id_2 
_pdbx_validate_close_contact.auth_seq_id_2 
_pdbx_validate_close_contact.PDB_ins_code_2 
_pdbx_validate_close_contact.label_alt_id_2 
_pdbx_validate_close_contact.dist 
1 1 O  B HOH 33 ? ? O B HOH 50 ? ? 1.76 
2 1 N7 B DG  22 ? ? O B HOH 99 ? ? 2.16 
# 
loop_
_pdbx_validate_symm_contact.id 
_pdbx_validate_symm_contact.PDB_model_num 
_pdbx_validate_symm_contact.auth_atom_id_1 
_pdbx_validate_symm_contact.auth_asym_id_1 
_pdbx_validate_symm_contact.auth_comp_id_1 
_pdbx_validate_symm_contact.auth_seq_id_1 
_pdbx_validate_symm_contact.PDB_ins_code_1 
_pdbx_validate_symm_contact.label_alt_id_1 
_pdbx_validate_symm_contact.site_symmetry_1 
_pdbx_validate_symm_contact.auth_atom_id_2 
_pdbx_validate_symm_contact.auth_asym_id_2 
_pdbx_validate_symm_contact.auth_comp_id_2 
_pdbx_validate_symm_contact.auth_seq_id_2 
_pdbx_validate_symm_contact.PDB_ins_code_2 
_pdbx_validate_symm_contact.label_alt_id_2 
_pdbx_validate_symm_contact.site_symmetry_2 
_pdbx_validate_symm_contact.dist 
1 1 O     A HOH 85 ? ? 1_555 O B HOH 84 ? ? 1_655 1.28 
2 1 O     A HOH 27 ? ? 1_555 O B HOH 32 ? ? 4_465 1.28 
3 1 OP2   B DT  19 ? ? 1_555 O A HOH 83 ? ? 4_565 2.04 
4 1 "O4'" B DC  13 ? ? 1_555 O A HOH 85 ? ? 2_664 2.05 
5 1 O     A HOH 93 ? ? 1_555 O B HOH 32 ? ? 4_465 2.19 
# 
loop_
_pdbx_validate_rmsd_bond.id 
_pdbx_validate_rmsd_bond.PDB_model_num 
_pdbx_validate_rmsd_bond.auth_atom_id_1 
_pdbx_validate_rmsd_bond.auth_asym_id_1 
_pdbx_validate_rmsd_bond.auth_comp_id_1 
_pdbx_validate_rmsd_bond.auth_seq_id_1 
_pdbx_validate_rmsd_bond.PDB_ins_code_1 
_pdbx_validate_rmsd_bond.label_alt_id_1 
_pdbx_validate_rmsd_bond.auth_atom_id_2 
_pdbx_validate_rmsd_bond.auth_asym_id_2 
_pdbx_validate_rmsd_bond.auth_comp_id_2 
_pdbx_validate_rmsd_bond.auth_seq_id_2 
_pdbx_validate_rmsd_bond.PDB_ins_code_2 
_pdbx_validate_rmsd_bond.label_alt_id_2 
_pdbx_validate_rmsd_bond.bond_value 
_pdbx_validate_rmsd_bond.bond_target_value 
_pdbx_validate_rmsd_bond.bond_deviation 
_pdbx_validate_rmsd_bond.bond_standard_deviation 
_pdbx_validate_rmsd_bond.linker_flag 
1 1 "O3'" A DC 1  ? ? P     A DG 2  ? ? 1.531 1.607 -0.076 0.012 Y 
2 1 P     A DG 2  ? ? OP1   A DG 2  ? ? 1.589 1.485 0.104  0.017 N 
3 1 "O4'" A DA 5  ? ? "C4'" A DA 5  ? ? 1.378 1.446 -0.068 0.010 N 
4 1 C5    A DT 7  ? ? C7    A DT 7  ? ? 1.540 1.496 0.044  0.006 N 
5 1 "O4'" A DT 8  ? ? "C4'" A DT 8  ? ? 1.385 1.446 -0.061 0.010 N 
6 1 P     A DG 10 ? ? "O5'" A DG 10 ? ? 1.667 1.593 0.074  0.010 N 
7 1 C6    B DG 14 ? ? N1    B DG 14 ? ? 1.341 1.391 -0.050 0.007 N 
# 
loop_
_pdbx_validate_rmsd_angle.id 
_pdbx_validate_rmsd_angle.PDB_model_num 
_pdbx_validate_rmsd_angle.auth_atom_id_1 
_pdbx_validate_rmsd_angle.auth_asym_id_1 
_pdbx_validate_rmsd_angle.auth_comp_id_1 
_pdbx_validate_rmsd_angle.auth_seq_id_1 
_pdbx_validate_rmsd_angle.PDB_ins_code_1 
_pdbx_validate_rmsd_angle.label_alt_id_1 
_pdbx_validate_rmsd_angle.auth_atom_id_2 
_pdbx_validate_rmsd_angle.auth_asym_id_2 
_pdbx_validate_rmsd_angle.auth_comp_id_2 
_pdbx_validate_rmsd_angle.auth_seq_id_2 
_pdbx_validate_rmsd_angle.PDB_ins_code_2 
_pdbx_validate_rmsd_angle.label_alt_id_2 
_pdbx_validate_rmsd_angle.auth_atom_id_3 
_pdbx_validate_rmsd_angle.auth_asym_id_3 
_pdbx_validate_rmsd_angle.auth_comp_id_3 
_pdbx_validate_rmsd_angle.auth_seq_id_3 
_pdbx_validate_rmsd_angle.PDB_ins_code_3 
_pdbx_validate_rmsd_angle.label_alt_id_3 
_pdbx_validate_rmsd_angle.angle_value 
_pdbx_validate_rmsd_angle.angle_target_value 
_pdbx_validate_rmsd_angle.angle_deviation 
_pdbx_validate_rmsd_angle.angle_standard_deviation 
_pdbx_validate_rmsd_angle.linker_flag 
1  1 "O5'" A DC 1  ? ? "C5'" A DC 1  ? ? "C4'" A DC 1  ? ? 99.91  109.40 -9.49  0.80 N 
2  1 C2    A DC 1  ? ? N3    A DC 1  ? ? C4    A DC 1  ? ? 122.98 119.90 3.08   0.50 N 
3  1 N3    A DC 1  ? ? C4    A DC 1  ? ? C5    A DC 1  ? ? 118.41 121.90 -3.49  0.40 N 
4  1 N1    A DC 1  ? ? C2    A DC 1  ? ? O2    A DC 1  ? ? 123.48 118.90 4.58   0.60 N 
5  1 N3    A DC 1  ? ? C4    A DC 1  ? ? N4    A DC 1  ? ? 124.08 118.00 6.08   0.70 N 
6  1 "C3'" A DC 1  ? ? "O3'" A DC 1  ? ? P     A DG 2  ? ? 141.26 119.70 21.56  1.20 Y 
7  1 OP1   A DG 2  ? ? P     A DG 2  ? ? OP2   A DG 2  ? ? 107.95 119.60 -11.65 1.50 N 
8  1 "O4'" A DG 2  ? ? "C1'" A DG 2  ? ? N9    A DG 2  ? ? 110.75 108.30 2.45   0.30 N 
9  1 "O5'" A DG 4  ? ? P     A DG 4  ? ? OP2   A DG 4  ? ? 119.42 110.70 8.72   1.20 N 
10 1 C6    A DG 4  ? ? N1    A DG 4  ? ? C2    A DG 4  ? ? 121.25 125.10 -3.85  0.60 N 
11 1 "O5'" A DA 5  ? ? "C5'" A DA 5  ? ? "C4'" A DA 5  ? ? 103.88 109.40 -5.52  0.80 N 
12 1 C6    A DA 5  ? ? N1    A DA 5  ? ? C2    A DA 5  ? ? 126.55 118.60 7.95   0.60 N 
13 1 N1    A DA 5  ? ? C2    A DA 5  ? ? N3    A DA 5  ? ? 122.43 129.30 -6.87  0.50 N 
14 1 C5    A DA 5  ? ? C6    A DA 5  ? ? N1    A DA 5  ? ? 112.82 117.70 -4.88  0.50 N 
15 1 "C3'" A DA 5  ? ? "O3'" A DA 5  ? ? P     A DA 6  ? ? 129.12 119.70 9.42   1.20 Y 
16 1 "O4'" A DA 6  ? ? "C1'" A DA 6  ? ? N9    A DA 6  ? ? 110.24 108.30 1.94   0.30 N 
17 1 C6    A DA 6  ? ? N1    A DA 6  ? ? C2    A DA 6  ? ? 124.10 118.60 5.50   0.60 N 
18 1 N1    A DA 6  ? ? C2    A DA 6  ? ? N3    A DA 6  ? ? 124.34 129.30 -4.96  0.50 N 
19 1 C5    A DA 6  ? ? C6    A DA 6  ? ? N1    A DA 6  ? ? 114.11 117.70 -3.59  0.50 N 
20 1 C2    A DT 7  ? ? N3    A DT 7  ? ? C4    A DT 7  ? ? 123.52 127.20 -3.68  0.60 N 
21 1 N3    A DT 7  ? ? C4    A DT 7  ? ? O4    A DT 7  ? ? 112.02 119.90 -7.88  0.60 N 
22 1 C5    A DT 7  ? ? C4    A DT 7  ? ? O4    A DT 7  ? ? 129.39 124.90 4.49   0.70 N 
23 1 C6    A DT 7  ? ? C5    A DT 7  ? ? C7    A DT 7  ? ? 119.17 122.90 -3.73  0.60 N 
24 1 "C3'" A DT 7  ? ? "O3'" A DT 7  ? ? P     A DT 8  ? ? 139.42 119.70 19.72  1.20 Y 
25 1 "O5'" A DT 8  ? ? "C5'" A DT 8  ? ? "C4'" A DT 8  ? ? 102.15 109.40 -7.25  0.80 N 
26 1 "O4'" A DT 8  ? ? "C1'" A DT 8  ? ? "C2'" A DT 8  ? ? 100.41 105.90 -5.49  0.80 N 
27 1 N1    A DT 8  ? ? C2    A DT 8  ? ? N3    A DT 8  ? ? 118.55 114.60 3.95   0.60 N 
28 1 C2    A DT 8  ? ? N3    A DT 8  ? ? C4    A DT 8  ? ? 121.90 127.20 -5.30  0.60 N 
29 1 N3    A DT 8  ? ? C4    A DT 8  ? ? C5    A DT 8  ? ? 119.35 115.20 4.15   0.60 N 
30 1 N3    A DT 8  ? ? C4    A DT 8  ? ? O4    A DT 8  ? ? 115.19 119.90 -4.71  0.60 N 
31 1 "O5'" A DC 9  ? ? P     A DC 9  ? ? OP1   A DC 9  ? ? 125.82 110.70 15.12  1.20 N 
32 1 "O4'" A DC 9  ? ? "C1'" A DC 9  ? ? N1    A DC 9  ? ? 111.35 108.30 3.05   0.30 N 
33 1 N1    A DC 9  ? ? C2    A DC 9  ? ? O2    A DC 9  ? ? 123.14 118.90 4.24   0.60 N 
34 1 "C3'" A DC 9  ? ? "O3'" A DC 9  ? ? P     A DG 10 ? ? 130.98 119.70 11.28  1.20 Y 
35 1 "C3'" A DG 10 ? ? "C2'" A DG 10 ? ? "C1'" A DG 10 ? ? 94.00  102.40 -8.40  0.80 N 
36 1 N3    A DG 10 ? ? C2    A DG 10 ? ? N2    A DG 10 ? ? 114.94 119.90 -4.96  0.70 N 
37 1 "O4'" A DC 11 ? ? "C1'" A DC 11 ? ? N1    A DC 11 ? ? 112.20 108.30 3.90   0.30 N 
38 1 "C3'" A DC 11 ? ? "O3'" A DC 11 ? ? P     A DG 12 ? ? 126.93 119.70 7.23   1.20 Y 
39 1 P     A DG 12 ? ? "O5'" A DG 12 ? ? "C5'" A DG 12 ? ? 130.79 120.90 9.89   1.60 N 
40 1 "O5'" B DC 13 ? ? "C5'" B DC 13 ? ? "C4'" B DC 13 ? ? 103.74 109.40 -5.66  0.80 N 
41 1 "O5'" B DG 14 ? ? P     B DG 14 ? ? OP1   B DG 14 ? ? 118.35 110.70 7.65   1.20 N 
42 1 "O5'" B DG 14 ? ? "C5'" B DG 14 ? ? "C4'" B DG 14 ? ? 104.18 109.40 -5.22  0.80 N 
43 1 "O4'" B DG 14 ? ? "C1'" B DG 14 ? ? "C2'" B DG 14 ? ? 110.94 106.80 4.14   0.50 N 
44 1 "C3'" B DG 14 ? ? "O3'" B DG 14 ? ? P     B DC 15 ? ? 129.28 119.70 9.58   1.20 Y 
45 1 "O5'" B DC 15 ? ? "C5'" B DC 15 ? ? "C4'" B DC 15 ? ? 100.07 109.40 -9.33  0.80 N 
46 1 "C3'" B DC 15 ? ? "O3'" B DC 15 ? ? P     B DG 16 ? ? 130.70 119.70 11.00  1.20 Y 
47 1 C5    B DG 16 ? ? C6    B DG 16 ? ? N1    B DG 16 ? ? 114.69 111.50 3.19   0.50 N 
48 1 "O4'" B DA 17 ? ? "C4'" B DA 17 ? ? "C3'" B DA 17 ? ? 101.77 104.50 -2.73  0.40 N 
49 1 "C4'" B DA 17 ? ? "C3'" B DA 17 ? ? "C2'" B DA 17 ? ? 95.43  102.20 -6.77  0.70 N 
50 1 "C3'" B DA 17 ? ? "C2'" B DA 17 ? ? "C1'" B DA 17 ? ? 92.18  102.40 -10.22 0.80 N 
51 1 "O4'" B DA 17 ? ? "C1'" B DA 17 ? ? N9    B DA 17 ? ? 119.98 108.30 11.68  0.30 N 
52 1 C6    B DA 17 ? ? N1    B DA 17 ? ? C2    B DA 17 ? ? 122.36 118.60 3.76   0.60 N 
53 1 N1    B DA 17 ? ? C2    B DA 17 ? ? N3    B DA 17 ? ? 125.96 129.30 -3.34  0.50 N 
54 1 N1    B DA 17 ? ? C6    B DA 17 ? ? N6    B DA 17 ? ? 122.27 118.60 3.67   0.60 N 
55 1 C6    B DA 18 ? ? N1    B DA 18 ? ? C2    B DA 18 ? ? 123.11 118.60 4.51   0.60 N 
56 1 C5    B DA 18 ? ? C6    B DA 18 ? ? N1    B DA 18 ? ? 113.83 117.70 -3.87  0.50 N 
57 1 P     B DT 19 ? ? "O5'" B DT 19 ? ? "C5'" B DT 19 ? ? 105.95 120.90 -14.95 1.60 N 
58 1 "O4'" B DT 19 ? ? "C1'" B DT 19 ? ? "C2'" B DT 19 ? ? 100.50 105.90 -5.40  0.80 N 
59 1 "O4'" B DT 19 ? ? "C1'" B DT 19 ? ? N1    B DT 19 ? ? 112.48 108.30 4.18   0.30 N 
60 1 C2    B DT 19 ? ? N3    B DT 19 ? ? C4    B DT 19 ? ? 122.12 127.20 -5.08  0.60 N 
61 1 N3    B DT 19 ? ? C4    B DT 19 ? ? C5    B DT 19 ? ? 118.88 115.20 3.68   0.60 N 
62 1 "C3'" B DT 19 ? ? "O3'" B DT 19 ? ? P     B DT 20 ? ? 137.71 119.70 18.01  1.20 Y 
63 1 "O5'" B DT 20 ? ? "C5'" B DT 20 ? ? "C4'" B DT 20 ? ? 99.73  109.40 -9.67  0.80 N 
64 1 C2    B DT 20 ? ? N3    B DT 20 ? ? C4    B DT 20 ? ? 123.12 127.20 -4.08  0.60 N 
65 1 C4    B DT 20 ? ? C5    B DT 20 ? ? C7    B DT 20 ? ? 123.23 119.00 4.23   0.60 N 
66 1 C6    B DT 20 ? ? C5    B DT 20 ? ? C7    B DT 20 ? ? 118.53 122.90 -4.37  0.60 N 
67 1 "C3'" B DT 20 ? ? "O3'" B DT 20 ? ? P     B DC 21 ? ? 143.37 119.70 23.67  1.20 Y 
68 1 OP1   B DC 21 ? ? P     B DC 21 ? ? OP2   B DC 21 ? ? 107.30 119.60 -12.30 1.50 N 
69 1 "O5'" B DC 21 ? ? P     B DC 21 ? ? OP2   B DC 21 ? ? 119.17 110.70 8.47   1.20 N 
70 1 "O5'" B DC 21 ? ? "C5'" B DC 21 ? ? "C4'" B DC 21 ? ? 100.46 109.40 -8.94  0.80 N 
71 1 "O4'" B DC 21 ? ? "C1'" B DC 21 ? ? N1    B DC 21 ? ? 102.79 108.00 -5.21  0.70 N 
72 1 "O5'" B DG 22 ? ? "C5'" B DG 22 ? ? "C4'" B DG 22 ? ? 104.47 109.40 -4.93  0.80 N 
73 1 "C3'" B DG 22 ? ? "C2'" B DG 22 ? ? "C1'" B DG 22 ? ? 96.03  102.40 -6.37  0.80 N 
74 1 "O4'" B DG 22 ? ? "C1'" B DG 22 ? ? N9    B DG 22 ? ? 112.11 108.30 3.81   0.30 N 
75 1 C6    B DG 22 ? ? N1    B DG 22 ? ? C2    B DG 22 ? ? 120.48 125.10 -4.62  0.60 N 
76 1 N1    B DG 22 ? ? C2    B DG 22 ? ? N3    B DG 22 ? ? 127.52 123.90 3.62   0.60 N 
77 1 C5    B DG 22 ? ? C6    B DG 22 ? ? N1    B DG 22 ? ? 114.78 111.50 3.28   0.50 N 
78 1 "C3'" B DG 22 ? ? "O3'" B DG 22 ? ? P     B DC 23 ? ? 127.92 119.70 8.22   1.20 Y 
79 1 P     B DC 23 ? ? "O5'" B DC 23 ? ? "C5'" B DC 23 ? ? 105.96 120.90 -14.94 1.60 N 
80 1 "O4'" B DC 23 ? ? "C4'" B DC 23 ? ? "C3'" B DC 23 ? ? 110.30 106.00 4.30   0.60 N 
# 
_struct_site_keywords.site_id   1 
_struct_site_keywords.text      'MINOR GROOVE BINDER' 
# 
loop_
_refine_B_iso.class 
_refine_B_iso.details 
_refine_B_iso.treatment 
_refine_B_iso.pdbx_refine_id 
'ALL ATOMS'      TR isotropic 'X-RAY DIFFRACTION' 
'ALL WATERS'     TR isotropic 'X-RAY DIFFRACTION' 
'ALL DRUG ATOMS' TR isotropic 'X-RAY DIFFRACTION' 
# 
loop_
_refine_occupancy.class 
_refine_occupancy.treatment 
_refine_occupancy.pdbx_refine_id 
'ALL ATOMS'      fix 'X-RAY DIFFRACTION' 
'ALL WATERS'     fix 'X-RAY DIFFRACTION' 
'ALL DRUG ATOMS' fix 'X-RAY DIFFRACTION' 
# 
loop_
_chem_comp_atom.comp_id 
_chem_comp_atom.atom_id 
_chem_comp_atom.type_symbol 
_chem_comp_atom.pdbx_aromatic_flag 
_chem_comp_atom.pdbx_stereo_config 
_chem_comp_atom.pdbx_ordinal 
DA  OP3    O N N 1   
DA  P      P N N 2   
DA  OP1    O N N 3   
DA  OP2    O N N 4   
DA  "O5'"  O N N 5   
DA  "C5'"  C N N 6   
DA  "C4'"  C N R 7   
DA  "O4'"  O N N 8   
DA  "C3'"  C N S 9   
DA  "O3'"  O N N 10  
DA  "C2'"  C N N 11  
DA  "C1'"  C N R 12  
DA  N9     N Y N 13  
DA  C8     C Y N 14  
DA  N7     N Y N 15  
DA  C5     C Y N 16  
DA  C6     C Y N 17  
DA  N6     N N N 18  
DA  N1     N Y N 19  
DA  C2     C Y N 20  
DA  N3     N Y N 21  
DA  C4     C Y N 22  
DA  HOP3   H N N 23  
DA  HOP2   H N N 24  
DA  "H5'"  H N N 25  
DA  "H5''" H N N 26  
DA  "H4'"  H N N 27  
DA  "H3'"  H N N 28  
DA  "HO3'" H N N 29  
DA  "H2'"  H N N 30  
DA  "H2''" H N N 31  
DA  "H1'"  H N N 32  
DA  H8     H N N 33  
DA  H61    H N N 34  
DA  H62    H N N 35  
DA  H2     H N N 36  
DC  OP3    O N N 37  
DC  P      P N N 38  
DC  OP1    O N N 39  
DC  OP2    O N N 40  
DC  "O5'"  O N N 41  
DC  "C5'"  C N N 42  
DC  "C4'"  C N R 43  
DC  "O4'"  O N N 44  
DC  "C3'"  C N S 45  
DC  "O3'"  O N N 46  
DC  "C2'"  C N N 47  
DC  "C1'"  C N R 48  
DC  N1     N N N 49  
DC  C2     C N N 50  
DC  O2     O N N 51  
DC  N3     N N N 52  
DC  C4     C N N 53  
DC  N4     N N N 54  
DC  C5     C N N 55  
DC  C6     C N N 56  
DC  HOP3   H N N 57  
DC  HOP2   H N N 58  
DC  "H5'"  H N N 59  
DC  "H5''" H N N 60  
DC  "H4'"  H N N 61  
DC  "H3'"  H N N 62  
DC  "HO3'" H N N 63  
DC  "H2'"  H N N 64  
DC  "H2''" H N N 65  
DC  "H1'"  H N N 66  
DC  H41    H N N 67  
DC  H42    H N N 68  
DC  H5     H N N 69  
DC  H6     H N N 70  
DG  OP3    O N N 71  
DG  P      P N N 72  
DG  OP1    O N N 73  
DG  OP2    O N N 74  
DG  "O5'"  O N N 75  
DG  "C5'"  C N N 76  
DG  "C4'"  C N R 77  
DG  "O4'"  O N N 78  
DG  "C3'"  C N S 79  
DG  "O3'"  O N N 80  
DG  "C2'"  C N N 81  
DG  "C1'"  C N R 82  
DG  N9     N Y N 83  
DG  C8     C Y N 84  
DG  N7     N Y N 85  
DG  C5     C Y N 86  
DG  C6     C N N 87  
DG  O6     O N N 88  
DG  N1     N N N 89  
DG  C2     C N N 90  
DG  N2     N N N 91  
DG  N3     N N N 92  
DG  C4     C Y N 93  
DG  HOP3   H N N 94  
DG  HOP2   H N N 95  
DG  "H5'"  H N N 96  
DG  "H5''" H N N 97  
DG  "H4'"  H N N 98  
DG  "H3'"  H N N 99  
DG  "HO3'" H N N 100 
DG  "H2'"  H N N 101 
DG  "H2''" H N N 102 
DG  "H1'"  H N N 103 
DG  H8     H N N 104 
DG  H1     H N N 105 
DG  H21    H N N 106 
DG  H22    H N N 107 
DT  OP3    O N N 108 
DT  P      P N N 109 
DT  OP1    O N N 110 
DT  OP2    O N N 111 
DT  "O5'"  O N N 112 
DT  "C5'"  C N N 113 
DT  "C4'"  C N R 114 
DT  "O4'"  O N N 115 
DT  "C3'"  C N S 116 
DT  "O3'"  O N N 117 
DT  "C2'"  C N N 118 
DT  "C1'"  C N R 119 
DT  N1     N N N 120 
DT  C2     C N N 121 
DT  O2     O N N 122 
DT  N3     N N N 123 
DT  C4     C N N 124 
DT  O4     O N N 125 
DT  C5     C N N 126 
DT  C7     C N N 127 
DT  C6     C N N 128 
DT  HOP3   H N N 129 
DT  HOP2   H N N 130 
DT  "H5'"  H N N 131 
DT  "H5''" H N N 132 
DT  "H4'"  H N N 133 
DT  "H3'"  H N N 134 
DT  "HO3'" H N N 135 
DT  "H2'"  H N N 136 
DT  "H2''" H N N 137 
DT  "H1'"  H N N 138 
DT  H3     H N N 139 
DT  H71    H N N 140 
DT  H72    H N N 141 
DT  H73    H N N 142 
DT  H6     H N N 143 
HOH O      O N N 144 
HOH H1     H N N 145 
HOH H2     H N N 146 
PNT C1     C Y N 147 
PNT C2     C Y N 148 
PNT C3     C Y N 149 
PNT C4     C Y N 150 
PNT C5     C Y N 151 
PNT C6     C Y N 152 
PNT C7     C N N 153 
PNT C8     C N N 154 
PNT C9     C N N 155 
PNT C10    C N N 156 
PNT "C1'"  C Y N 157 
PNT "C2'"  C Y N 158 
PNT "C3'"  C Y N 159 
PNT "C4'"  C Y N 160 
PNT "C5'"  C Y N 161 
PNT "C6'"  C Y N 162 
PNT "C7'"  C N N 163 
PNT "C8'"  C N N 164 
PNT "C9'"  C N N 165 
PNT O1     O N N 166 
PNT "O1'"  O N N 167 
PNT N1     N N N 168 
PNT N2     N N N 169 
PNT "N1'"  N N N 170 
PNT "N2'"  N N N 171 
PNT H2     H N N 172 
PNT H3     H N N 173 
PNT H5     H N N 174 
PNT H6     H N N 175 
PNT H71    H N N 176 
PNT H72    H N N 177 
PNT H81    H N N 178 
PNT H82    H N N 179 
PNT H101   H N N 180 
PNT H102   H N N 181 
PNT "H2'"  H N N 182 
PNT "H3'"  H N N 183 
PNT "H5'"  H N N 184 
PNT "H6'"  H N N 185 
PNT "H7'1" H N N 186 
PNT "H7'2" H N N 187 
PNT "H8'1" H N N 188 
PNT "H8'2" H N N 189 
PNT HN1    H N N 190 
PNT HN2    H N N 191 
PNT HN3    H N N 192 
PNT "HN'1" H N N 193 
PNT "HN'2" H N N 194 
PNT "HN'3" H N N 195 
# 
loop_
_chem_comp_bond.comp_id 
_chem_comp_bond.atom_id_1 
_chem_comp_bond.atom_id_2 
_chem_comp_bond.value_order 
_chem_comp_bond.pdbx_aromatic_flag 
_chem_comp_bond.pdbx_stereo_config 
_chem_comp_bond.pdbx_ordinal 
DA  OP3   P      sing N N 1   
DA  OP3   HOP3   sing N N 2   
DA  P     OP1    doub N N 3   
DA  P     OP2    sing N N 4   
DA  P     "O5'"  sing N N 5   
DA  OP2   HOP2   sing N N 6   
DA  "O5'" "C5'"  sing N N 7   
DA  "C5'" "C4'"  sing N N 8   
DA  "C5'" "H5'"  sing N N 9   
DA  "C5'" "H5''" sing N N 10  
DA  "C4'" "O4'"  sing N N 11  
DA  "C4'" "C3'"  sing N N 12  
DA  "C4'" "H4'"  sing N N 13  
DA  "O4'" "C1'"  sing N N 14  
DA  "C3'" "O3'"  sing N N 15  
DA  "C3'" "C2'"  sing N N 16  
DA  "C3'" "H3'"  sing N N 17  
DA  "O3'" "HO3'" sing N N 18  
DA  "C2'" "C1'"  sing N N 19  
DA  "C2'" "H2'"  sing N N 20  
DA  "C2'" "H2''" sing N N 21  
DA  "C1'" N9     sing N N 22  
DA  "C1'" "H1'"  sing N N 23  
DA  N9    C8     sing Y N 24  
DA  N9    C4     sing Y N 25  
DA  C8    N7     doub Y N 26  
DA  C8    H8     sing N N 27  
DA  N7    C5     sing Y N 28  
DA  C5    C6     sing Y N 29  
DA  C5    C4     doub Y N 30  
DA  C6    N6     sing N N 31  
DA  C6    N1     doub Y N 32  
DA  N6    H61    sing N N 33  
DA  N6    H62    sing N N 34  
DA  N1    C2     sing Y N 35  
DA  C2    N3     doub Y N 36  
DA  C2    H2     sing N N 37  
DA  N3    C4     sing Y N 38  
DC  OP3   P      sing N N 39  
DC  OP3   HOP3   sing N N 40  
DC  P     OP1    doub N N 41  
DC  P     OP2    sing N N 42  
DC  P     "O5'"  sing N N 43  
DC  OP2   HOP2   sing N N 44  
DC  "O5'" "C5'"  sing N N 45  
DC  "C5'" "C4'"  sing N N 46  
DC  "C5'" "H5'"  sing N N 47  
DC  "C5'" "H5''" sing N N 48  
DC  "C4'" "O4'"  sing N N 49  
DC  "C4'" "C3'"  sing N N 50  
DC  "C4'" "H4'"  sing N N 51  
DC  "O4'" "C1'"  sing N N 52  
DC  "C3'" "O3'"  sing N N 53  
DC  "C3'" "C2'"  sing N N 54  
DC  "C3'" "H3'"  sing N N 55  
DC  "O3'" "HO3'" sing N N 56  
DC  "C2'" "C1'"  sing N N 57  
DC  "C2'" "H2'"  sing N N 58  
DC  "C2'" "H2''" sing N N 59  
DC  "C1'" N1     sing N N 60  
DC  "C1'" "H1'"  sing N N 61  
DC  N1    C2     sing N N 62  
DC  N1    C6     sing N N 63  
DC  C2    O2     doub N N 64  
DC  C2    N3     sing N N 65  
DC  N3    C4     doub N N 66  
DC  C4    N4     sing N N 67  
DC  C4    C5     sing N N 68  
DC  N4    H41    sing N N 69  
DC  N4    H42    sing N N 70  
DC  C5    C6     doub N N 71  
DC  C5    H5     sing N N 72  
DC  C6    H6     sing N N 73  
DG  OP3   P      sing N N 74  
DG  OP3   HOP3   sing N N 75  
DG  P     OP1    doub N N 76  
DG  P     OP2    sing N N 77  
DG  P     "O5'"  sing N N 78  
DG  OP2   HOP2   sing N N 79  
DG  "O5'" "C5'"  sing N N 80  
DG  "C5'" "C4'"  sing N N 81  
DG  "C5'" "H5'"  sing N N 82  
DG  "C5'" "H5''" sing N N 83  
DG  "C4'" "O4'"  sing N N 84  
DG  "C4'" "C3'"  sing N N 85  
DG  "C4'" "H4'"  sing N N 86  
DG  "O4'" "C1'"  sing N N 87  
DG  "C3'" "O3'"  sing N N 88  
DG  "C3'" "C2'"  sing N N 89  
DG  "C3'" "H3'"  sing N N 90  
DG  "O3'" "HO3'" sing N N 91  
DG  "C2'" "C1'"  sing N N 92  
DG  "C2'" "H2'"  sing N N 93  
DG  "C2'" "H2''" sing N N 94  
DG  "C1'" N9     sing N N 95  
DG  "C1'" "H1'"  sing N N 96  
DG  N9    C8     sing Y N 97  
DG  N9    C4     sing Y N 98  
DG  C8    N7     doub Y N 99  
DG  C8    H8     sing N N 100 
DG  N7    C5     sing Y N 101 
DG  C5    C6     sing N N 102 
DG  C5    C4     doub Y N 103 
DG  C6    O6     doub N N 104 
DG  C6    N1     sing N N 105 
DG  N1    C2     sing N N 106 
DG  N1    H1     sing N N 107 
DG  C2    N2     sing N N 108 
DG  C2    N3     doub N N 109 
DG  N2    H21    sing N N 110 
DG  N2    H22    sing N N 111 
DG  N3    C4     sing N N 112 
DT  OP3   P      sing N N 113 
DT  OP3   HOP3   sing N N 114 
DT  P     OP1    doub N N 115 
DT  P     OP2    sing N N 116 
DT  P     "O5'"  sing N N 117 
DT  OP2   HOP2   sing N N 118 
DT  "O5'" "C5'"  sing N N 119 
DT  "C5'" "C4'"  sing N N 120 
DT  "C5'" "H5'"  sing N N 121 
DT  "C5'" "H5''" sing N N 122 
DT  "C4'" "O4'"  sing N N 123 
DT  "C4'" "C3'"  sing N N 124 
DT  "C4'" "H4'"  sing N N 125 
DT  "O4'" "C1'"  sing N N 126 
DT  "C3'" "O3'"  sing N N 127 
DT  "C3'" "C2'"  sing N N 128 
DT  "C3'" "H3'"  sing N N 129 
DT  "O3'" "HO3'" sing N N 130 
DT  "C2'" "C1'"  sing N N 131 
DT  "C2'" "H2'"  sing N N 132 
DT  "C2'" "H2''" sing N N 133 
DT  "C1'" N1     sing N N 134 
DT  "C1'" "H1'"  sing N N 135 
DT  N1    C2     sing N N 136 
DT  N1    C6     sing N N 137 
DT  C2    O2     doub N N 138 
DT  C2    N3     sing N N 139 
DT  N3    C4     sing N N 140 
DT  N3    H3     sing N N 141 
DT  C4    O4     doub N N 142 
DT  C4    C5     sing N N 143 
DT  C5    C7     sing N N 144 
DT  C5    C6     doub N N 145 
DT  C7    H71    sing N N 146 
DT  C7    H72    sing N N 147 
DT  C7    H73    sing N N 148 
DT  C6    H6     sing N N 149 
HOH O     H1     sing N N 150 
HOH O     H2     sing N N 151 
PNT C1    C2     doub Y N 152 
PNT C1    C6     sing Y N 153 
PNT C1    O1     sing N N 154 
PNT C2    C3     sing Y N 155 
PNT C2    H2     sing N N 156 
PNT C3    C4     doub Y N 157 
PNT C3    H3     sing N N 158 
PNT C4    C5     sing Y N 159 
PNT C4    C9     sing N N 160 
PNT C5    C6     doub Y N 161 
PNT C5    H5     sing N N 162 
PNT C6    H6     sing N N 163 
PNT C7    C8     sing N N 164 
PNT C7    O1     sing N N 165 
PNT C7    H71    sing N N 166 
PNT C7    H72    sing N N 167 
PNT C8    C10    sing N N 168 
PNT C8    H81    sing N N 169 
PNT C8    H82    sing N N 170 
PNT C9    N1     doub N N 171 
PNT C9    N2     sing N N 172 
PNT C10   "C8'"  sing N N 173 
PNT C10   H101   sing N N 174 
PNT C10   H102   sing N N 175 
PNT "C1'" "C2'"  doub Y N 176 
PNT "C1'" "C6'"  sing Y N 177 
PNT "C1'" "O1'"  sing N N 178 
PNT "C2'" "C3'"  sing Y N 179 
PNT "C2'" "H2'"  sing N N 180 
PNT "C3'" "C4'"  doub Y N 181 
PNT "C3'" "H3'"  sing N N 182 
PNT "C4'" "C5'"  sing Y N 183 
PNT "C4'" "C9'"  sing N N 184 
PNT "C5'" "C6'"  doub Y N 185 
PNT "C5'" "H5'"  sing N N 186 
PNT "C6'" "H6'"  sing N N 187 
PNT "C7'" "C8'"  sing N N 188 
PNT "C7'" "O1'"  sing N N 189 
PNT "C7'" "H7'1" sing N N 190 
PNT "C7'" "H7'2" sing N N 191 
PNT "C8'" "H8'1" sing N N 192 
PNT "C8'" "H8'2" sing N N 193 
PNT "C9'" "N1'"  doub N N 194 
PNT "C9'" "N2'"  sing N N 195 
PNT N1    HN1    sing N N 196 
PNT N2    HN2    sing N N 197 
PNT N2    HN3    sing N N 198 
PNT "N1'" "HN'1" sing N N 199 
PNT "N2'" "HN'2" sing N N 200 
PNT "N2'" "HN'3" sing N N 201 
# 
_ndb_struct_conf_na.entry_id   1D64 
_ndb_struct_conf_na.feature    'b-form double helix' 
# 
loop_
_ndb_struct_na_base_pair.model_number 
_ndb_struct_na_base_pair.i_label_asym_id 
_ndb_struct_na_base_pair.i_label_comp_id 
_ndb_struct_na_base_pair.i_label_seq_id 
_ndb_struct_na_base_pair.i_symmetry 
_ndb_struct_na_base_pair.j_label_asym_id 
_ndb_struct_na_base_pair.j_label_comp_id 
_ndb_struct_na_base_pair.j_label_seq_id 
_ndb_struct_na_base_pair.j_symmetry 
_ndb_struct_na_base_pair.shear 
_ndb_struct_na_base_pair.stretch 
_ndb_struct_na_base_pair.stagger 
_ndb_struct_na_base_pair.buckle 
_ndb_struct_na_base_pair.propeller 
_ndb_struct_na_base_pair.opening 
_ndb_struct_na_base_pair.pair_number 
_ndb_struct_na_base_pair.pair_name 
_ndb_struct_na_base_pair.i_auth_asym_id 
_ndb_struct_na_base_pair.i_auth_seq_id 
_ndb_struct_na_base_pair.i_PDB_ins_code 
_ndb_struct_na_base_pair.j_auth_asym_id 
_ndb_struct_na_base_pair.j_auth_seq_id 
_ndb_struct_na_base_pair.j_PDB_ins_code 
_ndb_struct_na_base_pair.hbond_type_28 
_ndb_struct_na_base_pair.hbond_type_12 
1 A DC 1  1_555 B DG 12 1_555 0.322  -0.225 -0.192 11.361 -15.897 -3.564 1  A_DC1:DG24_B  A 1  ? B 24 ? 19 1 
1 A DG 2  1_555 B DC 11 1_555 -0.159 -0.181 0.092  -4.109 -9.160  -1.474 2  A_DG2:DC23_B  A 2  ? B 23 ? 19 1 
1 A DC 3  1_555 B DG 10 1_555 0.072  -0.092 -0.053 0.720  -2.888  -1.090 3  A_DC3:DG22_B  A 3  ? B 22 ? 19 1 
1 A DG 4  1_555 B DC 9  1_555 -0.177 -0.147 -0.137 7.685  -12.913 0.332  4  A_DG4:DC21_B  A 4  ? B 21 ? 19 1 
1 A DA 5  1_555 B DT 8  1_555 0.145  -0.166 -0.168 7.356  -16.360 2.244  5  A_DA5:DT20_B  A 5  ? B 20 ? 20 1 
1 A DA 6  1_555 B DT 7  1_555 0.017  -0.074 0.019  -0.335 -18.435 -1.274 6  A_DA6:DT19_B  A 6  ? B 19 ? 20 1 
1 A DT 7  1_555 B DA 6  1_555 0.514  -0.203 0.134  1.713  -18.207 2.173  7  A_DT7:DA18_B  A 7  ? B 18 ? 20 1 
1 A DT 8  1_555 B DA 5  1_555 0.372  -0.170 -0.149 0.097  -19.318 -1.789 8  A_DT8:DA17_B  A 8  ? B 17 ? 20 1 
1 A DC 9  1_555 B DG 4  1_555 0.208  -0.197 -0.277 -9.048 -11.477 -0.127 9  A_DC9:DG16_B  A 9  ? B 16 ? 19 1 
1 A DG 10 1_555 B DC 3  1_555 0.032  -0.104 0.453  11.417 -0.556  -0.125 10 A_DG10:DC15_B A 10 ? B 15 ? 19 1 
1 A DC 11 1_555 B DG 2  1_555 -0.120 -0.278 0.663  2.827  -31.284 -6.000 11 A_DC11:DG14_B A 11 ? B 14 ? 19 1 
1 A DG 12 1_555 B DC 1  1_555 -0.177 -0.130 -0.266 10.723 20.551  -2.084 12 A_DG12:DC13_B A 12 ? B 13 ? 19 1 
# 
loop_
_ndb_struct_na_base_pair_step.model_number 
_ndb_struct_na_base_pair_step.i_label_asym_id_1 
_ndb_struct_na_base_pair_step.i_label_comp_id_1 
_ndb_struct_na_base_pair_step.i_label_seq_id_1 
_ndb_struct_na_base_pair_step.i_symmetry_1 
_ndb_struct_na_base_pair_step.j_label_asym_id_1 
_ndb_struct_na_base_pair_step.j_label_comp_id_1 
_ndb_struct_na_base_pair_step.j_label_seq_id_1 
_ndb_struct_na_base_pair_step.j_symmetry_1 
_ndb_struct_na_base_pair_step.i_label_asym_id_2 
_ndb_struct_na_base_pair_step.i_label_comp_id_2 
_ndb_struct_na_base_pair_step.i_label_seq_id_2 
_ndb_struct_na_base_pair_step.i_symmetry_2 
_ndb_struct_na_base_pair_step.j_label_asym_id_2 
_ndb_struct_na_base_pair_step.j_label_comp_id_2 
_ndb_struct_na_base_pair_step.j_label_seq_id_2 
_ndb_struct_na_base_pair_step.j_symmetry_2 
_ndb_struct_na_base_pair_step.shift 
_ndb_struct_na_base_pair_step.slide 
_ndb_struct_na_base_pair_step.rise 
_ndb_struct_na_base_pair_step.tilt 
_ndb_struct_na_base_pair_step.roll 
_ndb_struct_na_base_pair_step.twist 
_ndb_struct_na_base_pair_step.x_displacement 
_ndb_struct_na_base_pair_step.y_displacement 
_ndb_struct_na_base_pair_step.helical_rise 
_ndb_struct_na_base_pair_step.inclination 
_ndb_struct_na_base_pair_step.tip 
_ndb_struct_na_base_pair_step.helical_twist 
_ndb_struct_na_base_pair_step.step_number 
_ndb_struct_na_base_pair_step.step_name 
_ndb_struct_na_base_pair_step.i_auth_asym_id_1 
_ndb_struct_na_base_pair_step.i_auth_seq_id_1 
_ndb_struct_na_base_pair_step.i_PDB_ins_code_1 
_ndb_struct_na_base_pair_step.j_auth_asym_id_1 
_ndb_struct_na_base_pair_step.j_auth_seq_id_1 
_ndb_struct_na_base_pair_step.j_PDB_ins_code_1 
_ndb_struct_na_base_pair_step.i_auth_asym_id_2 
_ndb_struct_na_base_pair_step.i_auth_seq_id_2 
_ndb_struct_na_base_pair_step.i_PDB_ins_code_2 
_ndb_struct_na_base_pair_step.j_auth_asym_id_2 
_ndb_struct_na_base_pair_step.j_auth_seq_id_2 
_ndb_struct_na_base_pair_step.j_PDB_ins_code_2 
1 A DC 1  1_555 B DG 12 1_555 A DG 2  1_555 B DC 11 1_555 -0.062 0.357  3.728 -2.254 6.628   33.538 -0.595 -0.304 3.725 11.333  
3.854  34.240 1  AA_DC1DG2:DC23DG24_BB   A 1  ? B 24 ? A 2  ? B 23 ? 
1 A DG 2  1_555 B DC 11 1_555 A DC 3  1_555 B DG 10 1_555 0.775  0.625  3.237 3.956  -5.033  41.307 1.399  -0.676 3.200 -7.083  
-5.568 41.778 2  AA_DG2DC3:DG22DC23_BB   A 2  ? B 23 ? A 3  ? B 22 ? 
1 A DC 3  1_555 B DG 10 1_555 A DG 4  1_555 B DC 9  1_555 -0.137 0.939  3.321 4.808  8.833   29.902 -0.007 1.198  3.392 16.541  
-9.002 31.511 3  AA_DC3DG4:DC21DG22_BB   A 3  ? B 22 ? A 4  ? B 21 ? 
1 A DG 4  1_555 B DC 9  1_555 A DA 5  1_555 B DT 8  1_555 0.071  0.009  3.288 -0.209 6.956   34.880 -1.006 -0.146 3.229 11.464  
0.345  35.546 4  AA_DG4DA5:DT20DC21_BB   A 4  ? B 21 ? A 5  ? B 20 ? 
1 A DA 5  1_555 B DT 8  1_555 A DA 6  1_555 B DT 7  1_555 0.020  -0.427 3.480 -2.185 1.950   36.651 -0.959 -0.347 3.446 3.095   
3.468  36.764 5  AA_DA5DA6:DT19DT20_BB   A 5  ? B 20 ? A 6  ? B 19 ? 
1 A DA 6  1_555 B DT 7  1_555 A DT 7  1_555 B DA 6  1_555 0.309  -0.682 3.249 1.167  1.161   33.188 -1.385 -0.347 3.233 2.030   
-2.042 33.228 6  AA_DA6DT7:DA18DT19_BB   A 6  ? B 19 ? A 7  ? B 18 ? 
1 A DT 7  1_555 B DA 6  1_555 A DT 8  1_555 B DA 5  1_555 -0.393 -0.043 3.198 1.912  6.068   36.677 -0.853 0.864  3.128 9.554   
-3.010 37.206 7  AA_DT7DT8:DA17DA18_BB   A 7  ? B 18 ? A 8  ? B 17 ? 
1 A DT 8  1_555 B DA 5  1_555 A DC 9  1_555 B DG 4  1_555 -0.168 0.258  3.540 1.121  -2.879  35.244 0.882  0.454  3.502 -4.743  
-1.848 35.375 8  AA_DT8DC9:DG16DA17_BB   A 8  ? B 17 ? A 9  ? B 16 ? 
1 A DC 9  1_555 B DG 4  1_555 A DG 10 1_555 B DC 3  1_555 0.400  1.103  3.065 -8.495 2.975   32.036 1.461  -2.032 2.953 5.262   
15.026 33.245 9  AA_DC9DG10:DC15DG16_BB  A 9  ? B 16 ? A 10 ? B 15 ? 
1 A DG 10 1_555 B DC 3  1_555 A DC 11 1_555 B DG 2  1_555 -1.000 0.655  3.866 -1.107 -14.247 39.491 2.636  1.265  3.464 -20.296 
1.577  41.900 10 AA_DG10DC11:DG14DC15_BB A 10 ? B 15 ? A 11 ? B 14 ? 
1 A DC 11 1_555 B DG 2  1_555 A DG 12 1_555 B DC 1  1_555 1.096  0.597  3.357 5.994  -7.926  37.439 1.910  -0.892 3.298 -12.089 
-9.142 38.689 11 AA_DC11DG12:DC13DG14_BB A 11 ? B 14 ? A 12 ? B 13 ? 
# 
_atom_sites.entry_id                    1D64 
_atom_sites.fract_transf_matrix[1][1]   -0.00005661 
_atom_sites.fract_transf_matrix[1][2]   -0.03799152 
_atom_sites.fract_transf_matrix[1][3]   -0.01550581 
_atom_sites.fract_transf_matrix[2][1]   -0.02337782 
_atom_sites.fract_transf_matrix[2][2]   0.00337736 
_atom_sites.fract_transf_matrix[2][3]   -0.00818969 
_atom_sites.fract_transf_matrix[3][1]   0.00536305 
_atom_sites.fract_transf_matrix[3][2]   0.00534123 
_atom_sites.fract_transf_matrix[3][3]   -0.01310638 
_atom_sites.fract_transf_vector[1]      0.560711 
_atom_sites.fract_transf_vector[2]      0.525177 
_atom_sites.fract_transf_vector[3]      0.126563 
# 
loop_
_atom_type.symbol 
C 
N 
O 
P 
# 
loop_
_atom_site.group_PDB 
_atom_site.id 
_atom_site.type_symbol 
_atom_site.label_atom_id 
_atom_site.label_alt_id 
_atom_site.label_comp_id 
_atom_site.label_asym_id 
_atom_site.label_entity_id 
_atom_site.label_seq_id 
_atom_site.pdbx_PDB_ins_code 
_atom_site.Cartn_x 
_atom_site.Cartn_y 
_atom_site.Cartn_z 
_atom_site.occupancy 
_atom_site.B_iso_or_equiv 
_atom_site.pdbx_formal_charge 
_atom_site.auth_seq_id 
_atom_site.auth_comp_id 
_atom_site.auth_asym_id 
_atom_site.auth_atom_id 
_atom_site.pdbx_PDB_model_num 
ATOM   1   O "O5'" . DC  A 1 1  ? -6.954  1.736   -19.925 1.00 41.37 ? 1   DC  A "O5'" 1 
ATOM   2   C "C5'" . DC  A 1 1  ? -5.708  2.502   -19.943 1.00 29.15 ? 1   DC  A "C5'" 1 
ATOM   3   C "C4'" . DC  A 1 1  ? -4.705  1.371   -19.794 1.00 29.35 ? 1   DC  A "C4'" 1 
ATOM   4   O "O4'" . DC  A 1 1  ? -3.401  1.879   -19.642 1.00 28.85 ? 1   DC  A "O4'" 1 
ATOM   5   C "C3'" . DC  A 1 1  ? -4.992  0.533   -18.537 1.00 30.51 ? 1   DC  A "C3'" 1 
ATOM   6   O "O3'" . DC  A 1 1  ? -4.551  -0.776  -18.700 1.00 29.76 ? 1   DC  A "O3'" 1 
ATOM   7   C "C2'" . DC  A 1 1  ? -4.252  1.399   -17.522 1.00 14.37 ? 1   DC  A "C2'" 1 
ATOM   8   C "C1'" . DC  A 1 1  ? -2.978  1.706   -18.272 1.00 25.52 ? 1   DC  A "C1'" 1 
ATOM   9   N N1    . DC  A 1 1  ? -2.240  2.928   -17.884 1.00 13.16 ? 1   DC  A N1    1 
ATOM   10  C C2    . DC  A 1 1  ? -0.892  2.899   -18.191 1.00 16.46 ? 1   DC  A C2    1 
ATOM   11  O O2    . DC  A 1 1  ? -0.358  1.983   -18.812 1.00 16.27 ? 1   DC  A O2    1 
ATOM   12  N N3    . DC  A 1 1  ? -0.163  4.035   -17.934 1.00 16.06 ? 1   DC  A N3    1 
ATOM   13  C C4    . DC  A 1 1  ? -0.679  5.109   -17.326 1.00 14.38 ? 1   DC  A C4    1 
ATOM   14  N N4    . DC  A 1 1  ? 0.000   6.207   -17.065 1.00 18.14 ? 1   DC  A N4    1 
ATOM   15  C C5    . DC  A 1 1  ? -2.054  5.074   -16.933 1.00 11.90 ? 1   DC  A C5    1 
ATOM   16  C C6    . DC  A 1 1  ? -2.760  3.993   -17.267 1.00 17.58 ? 1   DC  A C6    1 
ATOM   17  P P     . DG  A 1 2  ? -4.842  -2.201  -18.224 1.00 37.90 ? 2   DG  A P     1 
ATOM   18  O OP1   . DG  A 1 2  ? -5.042  -3.013  -19.576 1.00 43.65 ? 2   DG  A OP1   1 
ATOM   19  O OP2   . DG  A 1 2  ? -6.096  -2.288  -17.453 1.00 38.66 ? 2   DG  A OP2   1 
ATOM   20  O "O5'" . DG  A 1 2  ? -3.552  -2.813  -17.556 1.00 38.88 ? 2   DG  A "O5'" 1 
ATOM   21  C "C5'" . DG  A 1 2  ? -2.375  -2.992  -18.438 1.00 35.18 ? 2   DG  A "C5'" 1 
ATOM   22  C "C4'" . DG  A 1 2  ? -1.192  -3.186  -17.513 1.00 30.24 ? 2   DG  A "C4'" 1 
ATOM   23  O "O4'" . DG  A 1 2  ? -0.620  -1.917  -17.228 1.00 19.09 ? 2   DG  A "O4'" 1 
ATOM   24  C "C3'" . DG  A 1 2  ? -1.498  -3.837  -16.149 1.00 19.31 ? 2   DG  A "C3'" 1 
ATOM   25  O "O3'" . DG  A 1 2  ? -0.441  -4.802  -15.903 1.00 36.12 ? 2   DG  A "O3'" 1 
ATOM   26  C "C2'" . DG  A 1 2  ? -1.530  -2.648  -15.213 1.00 21.48 ? 2   DG  A "C2'" 1 
ATOM   27  C "C1'" . DG  A 1 2  ? -0.429  -1.748  -15.837 1.00 13.54 ? 2   DG  A "C1'" 1 
ATOM   28  N N9    . DG  A 1 2  ? -0.589  -0.334  -15.456 1.00 10.37 ? 2   DG  A N9    1 
ATOM   29  C C8    . DG  A 1 2  ? -1.671  0.371   -15.070 1.00 13.27 ? 2   DG  A C8    1 
ATOM   30  N N7    . DG  A 1 2  ? -1.468  1.640   -14.821 1.00 18.15 ? 2   DG  A N7    1 
ATOM   31  C C5    . DG  A 1 2  ? -0.075  1.740   -14.858 1.00 13.23 ? 2   DG  A C5    1 
ATOM   32  C C6    . DG  A 1 2  ? 0.791   2.816   -14.629 1.00 14.85 ? 2   DG  A C6    1 
ATOM   33  O O6    . DG  A 1 2  ? 0.527   3.957   -14.296 1.00 17.27 ? 2   DG  A O6    1 
ATOM   34  N N1    . DG  A 1 2  ? 2.122   2.486   -14.792 1.00 20.60 ? 2   DG  A N1    1 
ATOM   35  C C2    . DG  A 1 2  ? 2.540   1.283   -15.173 1.00 15.39 ? 2   DG  A C2    1 
ATOM   36  N N2    . DG  A 1 2  ? 3.856   1.097   -15.343 1.00 15.14 ? 2   DG  A N2    1 
ATOM   37  N N3    . DG  A 1 2  ? 1.767   0.227   -15.393 1.00 13.87 ? 2   DG  A N3    1 
ATOM   38  C C4    . DG  A 1 2  ? 0.467   0.544   -15.276 1.00 19.23 ? 2   DG  A C4    1 
ATOM   39  P P     . DC  A 1 3  ? -0.625  -6.010  -14.801 1.00 31.32 ? 3   DC  A P     1 
ATOM   40  O OP1   . DC  A 1 3  ? -0.514  -7.309  -15.482 1.00 38.11 ? 3   DC  A OP1   1 
ATOM   41  O OP2   . DC  A 1 3  ? -1.903  -5.611  -14.261 1.00 27.02 ? 3   DC  A OP2   1 
ATOM   42  O "O5'" . DC  A 1 3  ? 0.690   -5.734  -13.898 1.00 32.67 ? 3   DC  A "O5'" 1 
ATOM   43  C "C5'" . DC  A 1 3  ? 1.955   -5.764  -14.614 1.00 24.87 ? 3   DC  A "C5'" 1 
ATOM   44  C "C4'" . DC  A 1 3  ? 2.871   -4.790  -13.934 1.00 27.44 ? 3   DC  A "C4'" 1 
ATOM   45  O "O4'" . DC  A 1 3  ? 2.338   -3.473  -13.897 1.00 19.89 ? 3   DC  A "O4'" 1 
ATOM   46  C "C3'" . DC  A 1 3  ? 3.035   -5.218  -12.492 1.00 33.06 ? 3   DC  A "C3'" 1 
ATOM   47  O "O3'" . DC  A 1 3  ? 4.256   -5.999  -12.318 1.00 35.61 ? 3   DC  A "O3'" 1 
ATOM   48  C "C2'" . DC  A 1 3  ? 2.982   -3.955  -11.686 1.00 28.88 ? 3   DC  A "C2'" 1 
ATOM   49  C "C1'" . DC  A 1 3  ? 2.842   -2.861  -12.702 1.00 21.52 ? 3   DC  A "C1'" 1 
ATOM   50  N N1    . DC  A 1 3  ? 1.854   -1.869  -12.305 1.00 14.77 ? 3   DC  A N1    1 
ATOM   51  C C2    . DC  A 1 3  ? 2.297   -0.575  -12.084 1.00 16.57 ? 3   DC  A C2    1 
ATOM   52  O O2    . DC  A 1 3  ? 3.504   -0.264  -12.226 1.00 16.40 ? 3   DC  A O2    1 
ATOM   53  N N3    . DC  A 1 3  ? 1.361   0.363   -11.749 1.00 14.16 ? 3   DC  A N3    1 
ATOM   54  C C4    . DC  A 1 3  ? 0.059   0.048   -11.640 1.00 12.29 ? 3   DC  A C4    1 
ATOM   55  N N4    . DC  A 1 3  ? -0.826  1.005   -11.261 1.00 21.72 ? 3   DC  A N4    1 
ATOM   56  C C5    . DC  A 1 3  ? -0.373  -1.316  -11.717 1.00 16.20 ? 3   DC  A C5    1 
ATOM   57  C C6    . DC  A 1 3  ? 0.560   -2.222  -12.054 1.00 14.30 ? 3   DC  A C6    1 
ATOM   58  P P     . DG  A 1 4  ? 4.423   -6.671  -10.898 1.00 26.42 ? 4   DG  A P     1 
ATOM   59  O OP1   . DG  A 1 4  ? 4.967   -8.124  -11.146 1.00 45.24 ? 4   DG  A OP1   1 
ATOM   60  O OP2   . DG  A 1 4  ? 3.160   -6.653  -10.241 1.00 36.43 ? 4   DG  A OP2   1 
ATOM   61  O "O5'" . DG  A 1 4  ? 5.678   -5.978  -10.202 1.00 22.21 ? 4   DG  A "O5'" 1 
ATOM   62  C "C5'" . DG  A 1 4  ? 6.843   -5.552  -10.825 1.00 25.54 ? 4   DG  A "C5'" 1 
ATOM   63  C "C4'" . DG  A 1 4  ? 7.327   -4.334  -10.032 1.00 32.00 ? 4   DG  A "C4'" 1 
ATOM   64  O "O4'" . DG  A 1 4  ? 6.337   -3.339  -10.054 1.00 29.68 ? 4   DG  A "O4'" 1 
ATOM   65  C "C3'" . DG  A 1 4  ? 7.609   -4.603  -8.553  1.00 30.05 ? 4   DG  A "C3'" 1 
ATOM   66  O "O3'" . DG  A 1 4  ? 8.733   -3.872  -8.078  1.00 39.41 ? 4   DG  A "O3'" 1 
ATOM   67  C "C2'" . DG  A 1 4  ? 6.343   -4.106  -7.885  1.00 29.51 ? 4   DG  A "C2'" 1 
ATOM   68  C "C1'" . DG  A 1 4  ? 6.148   -2.836  -8.698  1.00 28.64 ? 4   DG  A "C1'" 1 
ATOM   69  N N9    . DG  A 1 4  ? 4.796   -2.354  -8.559  1.00 32.65 ? 4   DG  A N9    1 
ATOM   70  C C8    . DG  A 1 4  ? 3.700   -3.225  -8.440  1.00 28.66 ? 4   DG  A C8    1 
ATOM   71  N N7    . DG  A 1 4  ? 2.591   -2.614  -8.270  1.00 17.59 ? 4   DG  A N7    1 
ATOM   72  C C5    . DG  A 1 4  ? 2.919   -1.259  -8.378  1.00 23.32 ? 4   DG  A C5    1 
ATOM   73  C C6    . DG  A 1 4  ? 2.092   -0.093  -8.309  1.00 20.75 ? 4   DG  A C6    1 
ATOM   74  O O6    . DG  A 1 4  ? 0.882   -0.052  -8.292  1.00 19.60 ? 4   DG  A O6    1 
ATOM   75  N N1    . DG  A 1 4  ? 2.803   1.087   -8.399  1.00 20.81 ? 4   DG  A N1    1 
ATOM   76  C C2    . DG  A 1 4  ? 4.153   1.095   -8.379  1.00 21.39 ? 4   DG  A C2    1 
ATOM   77  N N2    . DG  A 1 4  ? 4.753   2.300   -8.374  1.00 30.14 ? 4   DG  A N2    1 
ATOM   78  N N3    . DG  A 1 4  ? 4.970   0.021   -8.504  1.00 28.18 ? 4   DG  A N3    1 
ATOM   79  C C4    . DG  A 1 4  ? 4.267   -1.105  -8.427  1.00 21.57 ? 4   DG  A C4    1 
ATOM   80  P P     . DA  A 1 5  ? 9.302   -4.112  -6.577  1.00 46.32 ? 5   DA  A P     1 
ATOM   81  O OP1   . DA  A 1 5  ? 10.659  -4.779  -6.782  1.00 49.56 ? 5   DA  A OP1   1 
ATOM   82  O OP2   . DA  A 1 5  ? 8.250   -4.879  -5.894  1.00 42.69 ? 5   DA  A OP2   1 
ATOM   83  O "O5'" . DA  A 1 5  ? 9.507   -2.694  -5.931  1.00 38.28 ? 5   DA  A "O5'" 1 
ATOM   84  C "C5'" . DA  A 1 5  ? 9.735   -1.556  -6.786  1.00 30.46 ? 5   DA  A "C5'" 1 
ATOM   85  C "C4'" . DA  A 1 5  ? 9.319   -0.383  -5.943  1.00 27.30 ? 5   DA  A "C4'" 1 
ATOM   86  O "O4'" . DA  A 1 5  ? 7.964   -0.160  -6.049  1.00 24.12 ? 5   DA  A "O4'" 1 
ATOM   87  C "C3'" . DA  A 1 5  ? 9.600   -0.530  -4.424  1.00 28.58 ? 5   DA  A "C3'" 1 
ATOM   88  O "O3'" . DA  A 1 5  ? 10.236  0.670   -4.109  1.00 33.42 ? 5   DA  A "O3'" 1 
ATOM   89  C "C2'" . DA  A 1 5  ? 8.242   -0.732  -3.795  1.00 24.62 ? 5   DA  A "C2'" 1 
ATOM   90  C "C1'" . DA  A 1 5  ? 7.328   0.002   -4.778  1.00 21.45 ? 5   DA  A "C1'" 1 
ATOM   91  N N9    . DA  A 1 5  ? 5.998   -0.609  -4.824  1.00 17.30 ? 5   DA  A N9    1 
ATOM   92  C C8    . DA  A 1 5  ? 5.623   -1.949  -4.905  1.00 28.91 ? 5   DA  A C8    1 
ATOM   93  N N7    . DA  A 1 5  ? 4.295   -2.150  -4.943  1.00 21.75 ? 5   DA  A N7    1 
ATOM   94  C C5    . DA  A 1 5  ? 3.819   -0.842  -4.986  1.00 22.62 ? 5   DA  A C5    1 
ATOM   95  C C6    . DA  A 1 5  ? 2.483   -0.337  -5.006  1.00 20.06 ? 5   DA  A C6    1 
ATOM   96  N N6    . DA  A 1 5  ? 1.395   -1.041  -5.097  1.00 22.06 ? 5   DA  A N6    1 
ATOM   97  N N1    . DA  A 1 5  ? 2.433   1.005   -5.044  1.00 22.43 ? 5   DA  A N1    1 
ATOM   98  C C2    . DA  A 1 5  ? 3.480   1.852   -4.935  1.00 19.53 ? 5   DA  A C2    1 
ATOM   99  N N3    . DA  A 1 5  ? 4.722   1.428   -4.798  1.00 25.14 ? 5   DA  A N3    1 
ATOM   100 C C4    . DA  A 1 5  ? 4.819   0.077   -4.790  1.00 16.52 ? 5   DA  A C4    1 
ATOM   101 P P     . DA  A 1 6  ? 10.585  1.274   -2.683  1.00 27.71 ? 6   DA  A P     1 
ATOM   102 O OP1   . DA  A 1 6  ? 11.618  2.326   -2.953  1.00 25.33 ? 6   DA  A OP1   1 
ATOM   103 O OP2   . DA  A 1 6  ? 10.868  0.041   -1.947  1.00 37.71 ? 6   DA  A OP2   1 
ATOM   104 O "O5'" . DA  A 1 6  ? 9.186   1.985   -2.194  1.00 27.41 ? 6   DA  A "O5'" 1 
ATOM   105 C "C5'" . DA  A 1 6  ? 8.987   3.289   -2.821  1.00 19.41 ? 6   DA  A "C5'" 1 
ATOM   106 C "C4'" . DA  A 1 6  ? 7.822   3.925   -2.054  1.00 27.49 ? 6   DA  A "C4'" 1 
ATOM   107 O "O4'" . DA  A 1 6  ? 6.627   3.222   -2.280  1.00 19.65 ? 6   DA  A "O4'" 1 
ATOM   108 C "C3'" . DA  A 1 6  ? 8.016   3.999   -0.540  1.00 25.52 ? 6   DA  A "C3'" 1 
ATOM   109 O "O3'" . DA  A 1 6  ? 7.689   5.305   -0.043  1.00 24.27 ? 6   DA  A "O3'" 1 
ATOM   110 C "C2'" . DA  A 1 6  ? 7.136   2.876   -0.015  1.00 26.68 ? 6   DA  A "C2'" 1 
ATOM   111 C "C1'" . DA  A 1 6  ? 6.039   2.838   -1.029  1.00 20.46 ? 6   DA  A "C1'" 1 
ATOM   112 N N9    . DA  A 1 6  ? 5.366   1.527   -1.160  1.00 19.36 ? 6   DA  A N9    1 
ATOM   113 C C8    . DA  A 1 6  ? 5.794   0.256   -1.235  1.00 14.44 ? 6   DA  A C8    1 
ATOM   114 N N7    . DA  A 1 6  ? 4.825   -0.654  -1.323  1.00 18.88 ? 6   DA  A N7    1 
ATOM   115 C C5    . DA  A 1 6  ? 3.666   0.123   -1.405  1.00 18.19 ? 6   DA  A C5    1 
ATOM   116 C C6    . DA  A 1 6  ? 2.291   -0.228  -1.545  1.00 15.32 ? 6   DA  A C6    1 
ATOM   117 N N6    . DA  A 1 6  ? 1.778   -1.446  -1.695  1.00 22.89 ? 6   DA  A N6    1 
ATOM   118 N N1    . DA  A 1 6  ? 1.444   0.827   -1.500  1.00 14.85 ? 6   DA  A N1    1 
ATOM   119 C C2    . DA  A 1 6  ? 1.843   2.122   -1.374  1.00 18.06 ? 6   DA  A C2    1 
ATOM   120 N N3    . DA  A 1 6  ? 3.106   2.509   -1.302  1.00 19.32 ? 6   DA  A N3    1 
ATOM   121 C C4    . DA  A 1 6  ? 3.964   1.452   -1.244  1.00 13.43 ? 6   DA  A C4    1 
ATOM   122 P P     . DT  A 1 7  ? 7.854   5.693   1.503   1.00 22.41 ? 7   DT  A P     1 
ATOM   123 O OP1   . DT  A 1 7  ? 8.682   6.947   1.560   1.00 28.67 ? 7   DT  A OP1   1 
ATOM   124 O OP2   . DT  A 1 7  ? 8.460   4.581   2.206   1.00 31.51 ? 7   DT  A OP2   1 
ATOM   125 O "O5'" . DT  A 1 7  ? 6.339   5.882   1.998   1.00 21.82 ? 7   DT  A "O5'" 1 
ATOM   126 C "C5'" . DT  A 1 7  ? 5.250   5.993   1.048   1.00 22.46 ? 7   DT  A "C5'" 1 
ATOM   127 C "C4'" . DT  A 1 7  ? 3.949   5.596   1.765   1.00 19.86 ? 7   DT  A "C4'" 1 
ATOM   128 O "O4'" . DT  A 1 7  ? 3.694   4.245   1.446   1.00 16.06 ? 7   DT  A "O4'" 1 
ATOM   129 C "C3'" . DT  A 1 7  ? 3.951   5.675   3.294   1.00 25.68 ? 7   DT  A "C3'" 1 
ATOM   130 O "O3'" . DT  A 1 7  ? 3.259   6.804   3.768   1.00 31.80 ? 7   DT  A "O3'" 1 
ATOM   131 C "C2'" . DT  A 1 7  ? 3.370   4.333   3.753   1.00 20.09 ? 7   DT  A "C2'" 1 
ATOM   132 C "C1'" . DT  A 1 7  ? 2.914   3.663   2.507   1.00 15.07 ? 7   DT  A "C1'" 1 
ATOM   133 N N1    . DT  A 1 7  ? 3.040   2.197   2.434   1.00 22.67 ? 7   DT  A N1    1 
ATOM   134 C C2    . DT  A 1 7  ? 1.855   1.551   2.083   1.00 24.51 ? 7   DT  A C2    1 
ATOM   135 O O2    . DT  A 1 7  ? 0.774   2.118   2.032   1.00 26.75 ? 7   DT  A O2    1 
ATOM   136 N N3    . DT  A 1 7  ? 1.938   0.191   1.906   1.00 26.80 ? 7   DT  A N3    1 
ATOM   137 C C4    . DT  A 1 7  ? 3.078   -0.517  2.084   1.00 21.07 ? 7   DT  A C4    1 
ATOM   138 O O4    . DT  A 1 7  ? 2.906   -1.738  1.890   1.00 28.77 ? 7   DT  A O4    1 
ATOM   139 C C5    . DT  A 1 7  ? 4.260   0.180   2.356   1.00 23.28 ? 7   DT  A C5    1 
ATOM   140 C C7    . DT  A 1 7  ? 5.610   -0.536  2.556   1.00 24.19 ? 7   DT  A C7    1 
ATOM   141 C C6    . DT  A 1 7  ? 4.193   1.494   2.528   1.00 24.12 ? 7   DT  A C6    1 
ATOM   142 P P     . DT  A 1 8  ? 2.683   7.357   5.093   1.00 41.66 ? 8   DT  A P     1 
ATOM   143 O OP1   . DT  A 1 8  ? 2.416   8.838   5.037   1.00 33.63 ? 8   DT  A OP1   1 
ATOM   144 O OP2   . DT  A 1 8  ? 3.656   6.949   6.164   1.00 21.54 ? 8   DT  A OP2   1 
ATOM   145 O "O5'" . DT  A 1 8  ? 1.305   6.607   5.406   1.00 42.30 ? 8   DT  A "O5'" 1 
ATOM   146 C "C5'" . DT  A 1 8  ? 0.044   7.061   4.846   1.00 35.09 ? 8   DT  A "C5'" 1 
ATOM   147 C "C4'" . DT  A 1 8  ? -0.901  5.885   5.178   1.00 30.35 ? 8   DT  A "C4'" 1 
ATOM   148 O "O4'" . DT  A 1 8  ? -0.279  4.671   4.931   1.00 26.72 ? 8   DT  A "O4'" 1 
ATOM   149 C "C3'" . DT  A 1 8  ? -1.277  5.820   6.653   1.00 31.83 ? 8   DT  A "C3'" 1 
ATOM   150 O "O3'" . DT  A 1 8  ? -2.677  6.095   6.734   1.00 37.91 ? 8   DT  A "O3'" 1 
ATOM   151 C "C2'" . DT  A 1 8  ? -0.882  4.442   7.131   1.00 30.56 ? 8   DT  A "C2'" 1 
ATOM   152 C "C1'" . DT  A 1 8  ? -0.881  3.672   5.833   1.00 27.22 ? 8   DT  A "C1'" 1 
ATOM   153 N N1    . DT  A 1 8  ? -0.050  2.489   5.783   1.00 25.06 ? 8   DT  A N1    1 
ATOM   154 C C2    . DT  A 1 8  ? -0.583  1.324   5.273   1.00 23.72 ? 8   DT  A C2    1 
ATOM   155 O O2    . DT  A 1 8  ? -1.760  1.227   4.942   1.00 36.24 ? 8   DT  A O2    1 
ATOM   156 N N3    . DT  A 1 8  ? 0.242   0.244   5.109   1.00 30.21 ? 8   DT  A N3    1 
ATOM   157 C C4    . DT  A 1 8  ? 1.580   0.311   5.372   1.00 22.58 ? 8   DT  A C4    1 
ATOM   158 O O4    . DT  A 1 8  ? 2.209   -0.775  5.240   1.00 23.49 ? 8   DT  A O4    1 
ATOM   159 C C5    . DT  A 1 8  ? 2.121   1.501   5.894   1.00 26.15 ? 8   DT  A C5    1 
ATOM   160 C C7    . DT  A 1 8  ? 3.583   1.556   6.248   1.00 31.43 ? 8   DT  A C7    1 
ATOM   161 C C6    . DT  A 1 8  ? 1.328   2.581   5.964   1.00 27.88 ? 8   DT  A C6    1 
ATOM   162 P P     . DC  A 1 9  ? -3.247  6.341   8.242   1.00 34.16 ? 9   DC  A P     1 
ATOM   163 O OP1   . DC  A 1 9  ? -3.785  7.688   8.135   1.00 40.98 ? 9   DC  A OP1   1 
ATOM   164 O OP2   . DC  A 1 9  ? -2.043  6.191   9.139   1.00 40.64 ? 9   DC  A OP2   1 
ATOM   165 O "O5'" . DC  A 1 9  ? -4.094  5.014   8.354   1.00 24.81 ? 9   DC  A "O5'" 1 
ATOM   166 C "C5'" . DC  A 1 9  ? -4.210  4.272   7.111   1.00 27.63 ? 9   DC  A "C5'" 1 
ATOM   167 C "C4'" . DC  A 1 9  ? -5.309  3.314   7.301   1.00 31.25 ? 9   DC  A "C4'" 1 
ATOM   168 O "O4'" . DC  A 1 9  ? -4.816  1.998   7.119   1.00 30.64 ? 9   DC  A "O4'" 1 
ATOM   169 C "C3'" . DC  A 1 9  ? -5.918  3.269   8.728   1.00 34.82 ? 9   DC  A "C3'" 1 
ATOM   170 O "O3'" . DC  A 1 9  ? -7.129  2.578   8.698   1.00 39.41 ? 9   DC  A "O3'" 1 
ATOM   171 C "C2'" . DC  A 1 9  ? -4.780  2.547   9.441   1.00 38.51 ? 9   DC  A "C2'" 1 
ATOM   172 C "C1'" . DC  A 1 9  ? -4.522  1.438   8.407   1.00 28.91 ? 9   DC  A "C1'" 1 
ATOM   173 N N1    . DC  A 1 9  ? -3.135  1.000   8.492   1.00 30.99 ? 9   DC  A N1    1 
ATOM   174 C C2    . DC  A 1 9  ? -2.910  -0.306  8.105   1.00 35.49 ? 9   DC  A C2    1 
ATOM   175 O O2    . DC  A 1 9  ? -3.802  -1.054  7.718   1.00 34.16 ? 9   DC  A O2    1 
ATOM   176 N N3    . DC  A 1 9  ? -1.622  -0.799  8.194   1.00 30.98 ? 9   DC  A N3    1 
ATOM   177 C C4    . DC  A 1 9  ? -0.608  -0.016  8.638   1.00 26.97 ? 9   DC  A C4    1 
ATOM   178 N N4    . DC  A 1 9  ? 0.605   -0.538  8.731   1.00 35.85 ? 9   DC  A N4    1 
ATOM   179 C C5    . DC  A 1 9  ? -0.855  1.311   9.071   1.00 32.83 ? 9   DC  A C5    1 
ATOM   180 C C6    . DC  A 1 9  ? -2.118  1.786   8.930   1.00 30.91 ? 9   DC  A C6    1 
ATOM   181 P P     . DG  A 1 10 ? -8.504  2.859   9.432   1.00 42.26 ? 10  DG  A P     1 
ATOM   182 O OP1   . DG  A 1 10 ? -9.585  3.093   8.498   1.00 45.33 ? 10  DG  A OP1   1 
ATOM   183 O OP2   . DG  A 1 10 ? -8.288  3.806   10.524  1.00 41.61 ? 10  DG  A OP2   1 
ATOM   184 O "O5'" . DG  A 1 10 ? -8.685  1.359   10.136  1.00 42.29 ? 10  DG  A "O5'" 1 
ATOM   185 C "C5'" . DG  A 1 10 ? -8.894  0.272   9.195   1.00 46.22 ? 10  DG  A "C5'" 1 
ATOM   186 C "C4'" . DG  A 1 10 ? -8.641  -0.992  10.004  1.00 43.36 ? 10  DG  A "C4'" 1 
ATOM   187 O "O4'" . DG  A 1 10 ? -7.242  -1.165  10.117  1.00 45.59 ? 10  DG  A "O4'" 1 
ATOM   188 C "C3'" . DG  A 1 10 ? -9.144  -0.993  11.439  1.00 42.76 ? 10  DG  A "C3'" 1 
ATOM   189 O "O3'" . DG  A 1 10 ? -9.395  -2.280  11.956  1.00 43.86 ? 10  DG  A "O3'" 1 
ATOM   190 C "C2'" . DG  A 1 10 ? -7.959  -0.341  12.197  1.00 37.11 ? 10  DG  A "C2'" 1 
ATOM   191 C "C1'" . DG  A 1 10 ? -6.923  -1.212  11.541  1.00 38.40 ? 10  DG  A "C1'" 1 
ATOM   192 N N9    . DG  A 1 10 ? -5.543  -0.783  11.723  1.00 38.15 ? 10  DG  A N9    1 
ATOM   193 C C8    . DG  A 1 10 ? -5.005  0.424   12.077  1.00 36.91 ? 10  DG  A C8    1 
ATOM   194 N N7    . DG  A 1 10 ? -3.697  0.434   12.120  1.00 39.23 ? 10  DG  A N7    1 
ATOM   195 C C5    . DG  A 1 10 ? -3.333  -0.869  11.753  1.00 34.75 ? 10  DG  A C5    1 
ATOM   196 C C6    . DG  A 1 10 ? -2.071  -1.509  11.612  1.00 28.95 ? 10  DG  A C6    1 
ATOM   197 O O6    . DG  A 1 10 ? -0.977  -0.992  11.852  1.00 29.44 ? 10  DG  A O6    1 
ATOM   198 N N1    . DG  A 1 10 ? -2.140  -2.822  11.255  1.00 20.16 ? 10  DG  A N1    1 
ATOM   199 C C2    . DG  A 1 10 ? -3.306  -3.468  11.033  1.00 27.39 ? 10  DG  A C2    1 
ATOM   200 N N2    . DG  A 1 10 ? -3.299  -4.730  10.590  1.00 26.12 ? 10  DG  A N2    1 
ATOM   201 N N3    . DG  A 1 10 ? -4.507  -2.910  11.113  1.00 31.00 ? 10  DG  A N3    1 
ATOM   202 C C4    . DG  A 1 10 ? -4.459  -1.617  11.484  1.00 30.70 ? 10  DG  A C4    1 
ATOM   203 P P     . DC  A 1 11 ? -10.815 -2.773  12.593  1.00 46.12 ? 11  DC  A P     1 
ATOM   204 O OP1   . DC  A 1 11 ? -11.939 -2.022  11.996  1.00 47.45 ? 11  DC  A OP1   1 
ATOM   205 O OP2   . DC  A 1 11 ? -10.661 -2.623  14.037  1.00 36.63 ? 11  DC  A OP2   1 
ATOM   206 O "O5'" . DC  A 1 11 ? -10.769 -4.294  12.007  1.00 41.42 ? 11  DC  A "O5'" 1 
ATOM   207 C "C5'" . DC  A 1 11 ? -10.306 -4.368  10.618  1.00 46.26 ? 11  DC  A "C5'" 1 
ATOM   208 C "C4'" . DC  A 1 11 ? -9.518  -5.662  10.534  1.00 48.37 ? 11  DC  A "C4'" 1 
ATOM   209 O "O4'" . DC  A 1 11 ? -8.153  -5.458  10.909  1.00 47.93 ? 11  DC  A "O4'" 1 
ATOM   210 C "C3'" . DC  A 1 11 ? -10.056 -6.752  11.473  1.00 46.00 ? 11  DC  A "C3'" 1 
ATOM   211 O "O3'" . DC  A 1 11 ? -9.731  -8.029  10.971  1.00 46.94 ? 11  DC  A "O3'" 1 
ATOM   212 C "C2'" . DC  A 1 11 ? -9.344  -6.366  12.776  1.00 47.61 ? 11  DC  A "C2'" 1 
ATOM   213 C "C1'" . DC  A 1 11 ? -7.959  -6.077  12.224  1.00 47.66 ? 11  DC  A "C1'" 1 
ATOM   214 N N1    . DC  A 1 11 ? -7.160  -5.228  13.126  1.00 35.49 ? 11  DC  A N1    1 
ATOM   215 C C2    . DC  A 1 11 ? -5.812  -5.532  13.195  1.00 37.21 ? 11  DC  A C2    1 
ATOM   216 O O2    . DC  A 1 11 ? -5.341  -6.456  12.531  1.00 38.69 ? 11  DC  A O2    1 
ATOM   217 N N3    . DC  A 1 11 ? -5.034  -4.757  14.028  1.00 32.23 ? 11  DC  A N3    1 
ATOM   218 C C4    . DC  A 1 11 ? -5.574  -3.758  14.786  1.00 33.72 ? 11  DC  A C4    1 
ATOM   219 N N4    . DC  A 1 11 ? -4.720  -3.070  15.538  1.00 35.43 ? 11  DC  A N4    1 
ATOM   220 C C5    . DC  A 1 11 ? -6.955  -3.483  14.715  1.00 41.52 ? 11  DC  A C5    1 
ATOM   221 C C6    . DC  A 1 11 ? -7.685  -4.239  13.886  1.00 36.85 ? 11  DC  A C6    1 
ATOM   222 P P     . DG  A 1 12 ? -10.343 -9.402  11.420  1.00 52.70 ? 12  DG  A P     1 
ATOM   223 O OP1   . DG  A 1 12 ? -10.935 -10.207 10.300  1.00 42.03 ? 12  DG  A OP1   1 
ATOM   224 O OP2   . DG  A 1 12 ? -11.406 -8.914  12.396  1.00 53.88 ? 12  DG  A OP2   1 
ATOM   225 O "O5'" . DG  A 1 12 ? -9.227  -10.222 12.168  1.00 48.67 ? 12  DG  A "O5'" 1 
ATOM   226 C "C5'" . DG  A 1 12 ? -7.859  -10.466 11.827  1.00 42.23 ? 12  DG  A "C5'" 1 
ATOM   227 C "C4'" . DG  A 1 12 ? -7.197  -10.903 13.140  1.00 42.61 ? 12  DG  A "C4'" 1 
ATOM   228 O "O4'" . DG  A 1 12 ? -6.795  -9.774  13.849  1.00 41.40 ? 12  DG  A "O4'" 1 
ATOM   229 C "C3'" . DG  A 1 12 ? -8.109  -11.672 14.094  1.00 42.81 ? 12  DG  A "C3'" 1 
ATOM   230 O "O3'" . DG  A 1 12 ? -7.802  -13.085 14.102  1.00 46.23 ? 12  DG  A "O3'" 1 
ATOM   231 C "C2'" . DG  A 1 12 ? -7.944  -11.004 15.449  1.00 41.02 ? 12  DG  A "C2'" 1 
ATOM   232 C "C1'" . DG  A 1 12 ? -6.802  -10.065 15.276  1.00 38.44 ? 12  DG  A "C1'" 1 
ATOM   233 N N9    . DG  A 1 12 ? -6.887  -8.737  15.906  1.00 34.35 ? 12  DG  A N9    1 
ATOM   234 C C8    . DG  A 1 12 ? -7.985  -7.930  16.029  1.00 35.35 ? 12  DG  A C8    1 
ATOM   235 N N7    . DG  A 1 12 ? -7.712  -6.742  16.495  1.00 37.25 ? 12  DG  A N7    1 
ATOM   236 C C5    . DG  A 1 12 ? -6.337  -6.715  16.625  1.00 34.17 ? 12  DG  A C5    1 
ATOM   237 C C6    . DG  A 1 12 ? -5.448  -5.717  17.099  1.00 33.57 ? 12  DG  A C6    1 
ATOM   238 O O6    . DG  A 1 12 ? -5.705  -4.595  17.550  1.00 34.68 ? 12  DG  A O6    1 
ATOM   239 N N1    . DG  A 1 12 ? -4.128  -6.103  17.116  1.00 31.35 ? 12  DG  A N1    1 
ATOM   240 C C2    . DG  A 1 12 ? -3.727  -7.340  16.707  1.00 28.31 ? 12  DG  A C2    1 
ATOM   241 N N2    . DG  A 1 12 ? -2.404  -7.561  16.769  1.00 31.19 ? 12  DG  A N2    1 
ATOM   242 N N3    . DG  A 1 12 ? -4.533  -8.307  16.288  1.00 28.20 ? 12  DG  A N3    1 
ATOM   243 C C4    . DG  A 1 12 ? -5.810  -7.942  16.250  1.00 32.00 ? 12  DG  A C4    1 
ATOM   244 O "O5'" . DC  B 1 1  ? 4.621   -2.171  21.321  1.00 45.30 ? 13  DC  B "O5'" 1 
ATOM   245 C "C5'" . DC  B 1 1  ? 3.220   -2.462  21.049  1.00 33.53 ? 13  DC  B "C5'" 1 
ATOM   246 C "C4'" . DC  B 1 1  ? 3.277   -3.622  20.066  1.00 30.66 ? 13  DC  B "C4'" 1 
ATOM   247 O "O4'" . DC  B 1 1  ? 2.052   -4.324  20.063  1.00 21.58 ? 13  DC  B "O4'" 1 
ATOM   248 C "C3'" . DC  B 1 1  ? 3.490   -3.247  18.635  1.00 34.92 ? 13  DC  B "C3'" 1 
ATOM   249 O "O3'" . DC  B 1 1  ? 4.076   -4.327  17.923  1.00 42.46 ? 13  DC  B "O3'" 1 
ATOM   250 C "C2'" . DC  B 1 1  ? 2.063   -2.999  18.122  1.00 33.89 ? 13  DC  B "C2'" 1 
ATOM   251 C "C1'" . DC  B 1 1  ? 1.390   -4.159  18.808  1.00 32.24 ? 13  DC  B "C1'" 1 
ATOM   252 N N1    . DC  B 1 1  ? -0.033  -3.867  19.046  1.00 31.63 ? 13  DC  B N1    1 
ATOM   253 C C2    . DC  B 1 1  ? -0.922  -4.658  18.376  1.00 27.10 ? 13  DC  B C2    1 
ATOM   254 O O2    . DC  B 1 1  ? -0.555  -5.515  17.597  1.00 36.83 ? 13  DC  B O2    1 
ATOM   255 N N3    . DC  B 1 1  ? -2.255  -4.397  18.516  1.00 34.47 ? 13  DC  B N3    1 
ATOM   256 C C4    . DC  B 1 1  ? -2.706  -3.440  19.369  1.00 34.38 ? 13  DC  B C4    1 
ATOM   257 N N4    . DC  B 1 1  ? -4.021  -3.308  19.549  1.00 36.03 ? 13  DC  B N4    1 
ATOM   258 C C5    . DC  B 1 1  ? -1.769  -2.674  20.135  1.00 37.87 ? 13  DC  B C5    1 
ATOM   259 C C6    . DC  B 1 1  ? -0.461  -2.900  19.922  1.00 37.23 ? 13  DC  B C6    1 
ATOM   260 P P     . DG  B 1 2  ? 5.588   -4.283  17.408  1.00 45.69 ? 14  DG  B P     1 
ATOM   261 O OP1   . DG  B 1 2  ? 6.432   -4.331  18.619  1.00 43.96 ? 14  DG  B OP1   1 
ATOM   262 O OP2   . DG  B 1 2  ? 5.744   -3.035  16.599  1.00 40.17 ? 14  DG  B OP2   1 
ATOM   263 O "O5'" . DG  B 1 2  ? 5.593   -5.565  16.414  1.00 35.03 ? 14  DG  B "O5'" 1 
ATOM   264 C "C5'" . DG  B 1 2  ? 5.333   -6.897  16.925  1.00 35.08 ? 14  DG  B "C5'" 1 
ATOM   265 C "C4'" . DG  B 1 2  ? 4.325   -7.481  15.946  1.00 34.90 ? 14  DG  B "C4'" 1 
ATOM   266 O "O4'" . DG  B 1 2  ? 3.049   -6.893  16.182  1.00 35.66 ? 14  DG  B "O4'" 1 
ATOM   267 C "C3'" . DG  B 1 2  ? 4.670   -7.212  14.488  1.00 29.53 ? 14  DG  B "C3'" 1 
ATOM   268 O "O3'" . DG  B 1 2  ? 5.264   -8.316  13.900  1.00 22.89 ? 14  DG  B "O3'" 1 
ATOM   269 C "C2'" . DG  B 1 2  ? 3.357   -6.857  13.790  1.00 32.95 ? 14  DG  B "C2'" 1 
ATOM   270 C "C1'" . DG  B 1 2  ? 2.377   -6.881  14.905  1.00 31.40 ? 14  DG  B "C1'" 1 
ATOM   271 N N9    . DG  B 1 2  ? 1.577   -5.656  14.886  1.00 31.62 ? 14  DG  B N9    1 
ATOM   272 C C8    . DG  B 1 2  ? 1.972   -4.369  15.130  1.00 30.53 ? 14  DG  B C8    1 
ATOM   273 N N7    . DG  B 1 2  ? 0.984   -3.518  15.103  1.00 28.24 ? 14  DG  B N7    1 
ATOM   274 C C5    . DG  B 1 2  ? -0.101  -4.261  14.730  1.00 27.62 ? 14  DG  B C5    1 
ATOM   275 C C6    . DG  B 1 2  ? -1.459  -3.922  14.427  1.00 27.16 ? 14  DG  B C6    1 
ATOM   276 O O6    . DG  B 1 2  ? -1.992  -2.827  14.556  1.00 32.47 ? 14  DG  B O6    1 
ATOM   277 N N1    . DG  B 1 2  ? -2.187  -4.988  14.061  1.00 25.37 ? 14  DG  B N1    1 
ATOM   278 C C2    . DG  B 1 2  ? -1.774  -6.259  13.971  1.00 29.29 ? 14  DG  B C2    1 
ATOM   279 N N2    . DG  B 1 2  ? -2.674  -7.151  13.521  1.00 35.68 ? 14  DG  B N2    1 
ATOM   280 N N3    . DG  B 1 2  ? -0.532  -6.639  14.211  1.00 34.55 ? 14  DG  B N3    1 
ATOM   281 C C4    . DG  B 1 2  ? 0.256   -5.597  14.577  1.00 32.94 ? 14  DG  B C4    1 
ATOM   282 P P     . DC  B 1 3  ? 5.755   -8.515  12.402  1.00 36.12 ? 15  DC  B P     1 
ATOM   283 O OP1   . DC  B 1 3  ? 6.663   -9.728  12.462  1.00 42.18 ? 15  DC  B OP1   1 
ATOM   284 O OP2   . DC  B 1 3  ? 6.445   -7.280  12.043  1.00 36.98 ? 15  DC  B OP2   1 
ATOM   285 O "O5'" . DC  B 1 3  ? 4.485   -8.817  11.508  1.00 28.66 ? 15  DC  B "O5'" 1 
ATOM   286 C "C5'" . DC  B 1 3  ? 3.924   -10.189 11.322  1.00 29.03 ? 15  DC  B "C5'" 1 
ATOM   287 C "C4'" . DC  B 1 3  ? 2.537   -9.839  10.774  1.00 32.01 ? 15  DC  B "C4'" 1 
ATOM   288 O "O4'" . DC  B 1 3  ? 2.144   -8.653  11.456  1.00 33.35 ? 15  DC  B "O4'" 1 
ATOM   289 C "C3'" . DC  B 1 3  ? 2.549   -9.429  9.298   1.00 32.22 ? 15  DC  B "C3'" 1 
ATOM   290 O "O3'" . DC  B 1 3  ? 2.383   -10.475 8.400   1.00 34.19 ? 15  DC  B "O3'" 1 
ATOM   291 C "C2'" . DC  B 1 3  ? 1.414   -8.389  9.205   1.00 35.79 ? 15  DC  B "C2'" 1 
ATOM   292 C "C1'" . DC  B 1 3  ? 1.160   -7.974  10.613  1.00 27.48 ? 15  DC  B "C1'" 1 
ATOM   293 N N1    . DC  B 1 3  ? 1.289   -6.522  10.784  1.00 24.27 ? 15  DC  B N1    1 
ATOM   294 C C2    . DC  B 1 3  ? 0.137   -5.761  10.661  1.00 20.95 ? 15  DC  B C2    1 
ATOM   295 O O2    . DC  B 1 3  ? -0.920  -6.286  10.335  1.00 21.51 ? 15  DC  B O2    1 
ATOM   296 N N3    . DC  B 1 3  ? 0.243   -4.419  10.877  1.00 28.35 ? 15  DC  B N3    1 
ATOM   297 C C4    . DC  B 1 3  ? 1.440   -3.829  11.196  1.00 26.39 ? 15  DC  B C4    1 
ATOM   298 N N4    . DC  B 1 3  ? 1.445   -2.510  11.370  1.00 33.37 ? 15  DC  B N4    1 
ATOM   299 C C5    . DC  B 1 3  ? 2.618   -4.609  11.284  1.00 30.73 ? 15  DC  B C5    1 
ATOM   300 C C6    . DC  B 1 3  ? 2.480   -5.928  11.071  1.00 25.66 ? 15  DC  B C6    1 
ATOM   301 P P     . DG  B 1 4  ? 2.779   -10.597 6.864   1.00 39.48 ? 16  DG  B P     1 
ATOM   302 O OP1   . DG  B 1 4  ? 3.536   -11.868 6.694   1.00 52.32 ? 16  DG  B OP1   1 
ATOM   303 O OP2   . DG  B 1 4  ? 3.562   -9.402  6.527   1.00 45.17 ? 16  DG  B OP2   1 
ATOM   304 O "O5'" . DG  B 1 4  ? 1.360   -10.689 6.117   1.00 38.13 ? 16  DG  B "O5'" 1 
ATOM   305 C "C5'" . DG  B 1 4  ? 0.215   -10.778 6.977   1.00 35.46 ? 16  DG  B "C5'" 1 
ATOM   306 C "C4'" . DG  B 1 4  ? -1.078  -10.507 6.299   1.00 36.58 ? 16  DG  B "C4'" 1 
ATOM   307 O "O4'" . DG  B 1 4  ? -1.541  -9.233  6.744   1.00 37.17 ? 16  DG  B "O4'" 1 
ATOM   308 C "C3'" . DG  B 1 4  ? -1.124  -10.432 4.778   1.00 41.08 ? 16  DG  B "C3'" 1 
ATOM   309 O "O3'" . DG  B 1 4  ? -2.389  -10.936 4.322   1.00 46.26 ? 16  DG  B "O3'" 1 
ATOM   310 C "C2'" . DG  B 1 4  ? -0.896  -8.961  4.464   1.00 35.85 ? 16  DG  B "C2'" 1 
ATOM   311 C "C1'" . DG  B 1 4  ? -1.474  -8.271  5.691   1.00 33.05 ? 16  DG  B "C1'" 1 
ATOM   312 N N9    . DG  B 1 4  ? -0.604  -7.178  6.125   1.00 22.28 ? 16  DG  B N9    1 
ATOM   313 C C8    . DG  B 1 4  ? 0.779   -7.125  6.080   1.00 16.16 ? 16  DG  B C8    1 
ATOM   314 N N7    . DG  B 1 4  ? 1.288   -6.007  6.530   1.00 25.20 ? 16  DG  B N7    1 
ATOM   315 C C5    . DG  B 1 4  ? 0.158   -5.262  6.889   1.00 29.55 ? 16  DG  B C5    1 
ATOM   316 C C6    . DG  B 1 4  ? 0.007   -3.982  7.480   1.00 22.38 ? 16  DG  B C6    1 
ATOM   317 O O6    . DG  B 1 4  ? 0.888   -3.238  7.861   1.00 25.03 ? 16  DG  B O6    1 
ATOM   318 N N1    . DG  B 1 4  ? -1.273  -3.613  7.709   1.00 29.53 ? 16  DG  B N1    1 
ATOM   319 C C2    . DG  B 1 4  ? -2.352  -4.410  7.409   1.00 25.34 ? 16  DG  B C2    1 
ATOM   320 N N2    . DG  B 1 4  ? -3.560  -3.908  7.668   1.00 32.20 ? 16  DG  B N2    1 
ATOM   321 N N3    . DG  B 1 4  ? -2.273  -5.615  6.918   1.00 29.46 ? 16  DG  B N3    1 
ATOM   322 C C4    . DG  B 1 4  ? -0.999  -5.991  6.654   1.00 27.40 ? 16  DG  B C4    1 
ATOM   323 P P     . DA  B 1 5  ? -3.127  -10.412 3.004   1.00 39.33 ? 17  DA  B P     1 
ATOM   324 O OP1   . DA  B 1 5  ? -4.244  -11.364 2.663   1.00 39.88 ? 17  DA  B OP1   1 
ATOM   325 O OP2   . DA  B 1 5  ? -2.092  -10.299 1.979   1.00 38.83 ? 17  DA  B OP2   1 
ATOM   326 O "O5'" . DA  B 1 5  ? -3.747  -8.991  3.444   1.00 42.50 ? 17  DA  B "O5'" 1 
ATOM   327 C "C5'" . DA  B 1 5  ? -4.881  -8.991  4.338   1.00 37.40 ? 17  DA  B "C5'" 1 
ATOM   328 C "C4'" . DA  B 1 5  ? -5.705  -7.776  3.978   1.00 43.44 ? 17  DA  B "C4'" 1 
ATOM   329 O "O4'" . DA  B 1 5  ? -5.002  -6.621  4.438   1.00 40.96 ? 17  DA  B "O4'" 1 
ATOM   330 C "C3'" . DA  B 1 5  ? -5.869  -7.468  2.487   1.00 42.93 ? 17  DA  B "C3'" 1 
ATOM   331 O "O3'" . DA  B 1 5  ? -6.623  -6.312  2.185   1.00 49.04 ? 17  DA  B "O3'" 1 
ATOM   332 C "C2'" . DA  B 1 5  ? -4.368  -7.166  2.233   1.00 40.99 ? 17  DA  B "C2'" 1 
ATOM   333 C "C1'" . DA  B 1 5  ? -4.351  -6.035  3.310   1.00 35.64 ? 17  DA  B "C1'" 1 
ATOM   334 N N9    . DA  B 1 5  ? -2.968  -5.577  3.422   1.00 32.50 ? 17  DA  B N9    1 
ATOM   335 C C8    . DA  B 1 5  ? -1.835  -6.201  2.946   1.00 24.88 ? 17  DA  B C8    1 
ATOM   336 N N7    . DA  B 1 5  ? -0.746  -5.486  3.088   1.00 24.96 ? 17  DA  B N7    1 
ATOM   337 C C5    . DA  B 1 5  ? -1.200  -4.280  3.622   1.00 23.53 ? 17  DA  B C5    1 
ATOM   338 C C6    . DA  B 1 5  ? -0.512  -3.112  4.021   1.00 20.37 ? 17  DA  B C6    1 
ATOM   339 N N6    . DA  B 1 5  ? 0.813   -3.001  3.960   1.00 21.60 ? 17  DA  B N6    1 
ATOM   340 N N1    . DA  B 1 5  ? -1.302  -2.144  4.588   1.00 29.24 ? 17  DA  B N1    1 
ATOM   341 C C2    . DA  B 1 5  ? -2.645  -2.270  4.681   1.00 19.69 ? 17  DA  B C2    1 
ATOM   342 N N3    . DA  B 1 5  ? -3.362  -3.367  4.360   1.00 27.46 ? 17  DA  B N3    1 
ATOM   343 C C4    . DA  B 1 5  ? -2.566  -4.334  3.850   1.00 30.62 ? 17  DA  B C4    1 
ATOM   344 P P     . DA  B 1 6  ? -7.653  -6.179  0.917   1.00 44.42 ? 18  DA  B P     1 
ATOM   345 O OP1   . DA  B 1 6  ? -8.759  -7.152  1.220   1.00 34.81 ? 18  DA  B OP1   1 
ATOM   346 O OP2   . DA  B 1 6  ? -6.858  -6.588  -0.252  1.00 41.02 ? 18  DA  B OP2   1 
ATOM   347 O "O5'" . DA  B 1 6  ? -8.092  -4.671  0.962   1.00 37.38 ? 18  DA  B "O5'" 1 
ATOM   348 C "C5'" . DA  B 1 6  ? -8.218  -3.995  2.248   1.00 39.68 ? 18  DA  B "C5'" 1 
ATOM   349 C "C4'" . DA  B 1 6  ? -7.733  -2.568  2.097   1.00 37.25 ? 18  DA  B "C4'" 1 
ATOM   350 O "O4'" . DA  B 1 6  ? -6.309  -2.544  2.292   1.00 39.73 ? 18  DA  B "O4'" 1 
ATOM   351 C "C3'" . DA  B 1 6  ? -8.010  -1.921  0.752   1.00 34.32 ? 18  DA  B "C3'" 1 
ATOM   352 O "O3'" . DA  B 1 6  ? -8.660  -0.624  0.846   1.00 37.87 ? 18  DA  B "O3'" 1 
ATOM   353 C "C2'" . DA  B 1 6  ? -6.651  -1.807  0.056   1.00 21.20 ? 18  DA  B "C2'" 1 
ATOM   354 C "C1'" . DA  B 1 6  ? -5.683  -1.792  1.207   1.00 20.50 ? 18  DA  B "C1'" 1 
ATOM   355 N N9    . DA  B 1 6  ? -4.339  -2.341  0.915   1.00 23.33 ? 18  DA  B N9    1 
ATOM   356 C C8    . DA  B 1 6  ? -3.903  -3.512  0.410   1.00 13.00 ? 18  DA  B C8    1 
ATOM   357 N N7    . DA  B 1 6  ? -2.587  -3.619  0.371   1.00 14.21 ? 18  DA  B N7    1 
ATOM   358 C C5    . DA  B 1 6  ? -2.115  -2.407  0.745   1.00 18.35 ? 18  DA  B C5    1 
ATOM   359 C C6    . DA  B 1 6  ? -0.795  -1.911  0.991   1.00 21.60 ? 18  DA  B C6    1 
ATOM   360 N N6    . DA  B 1 6  ? 0.323   -2.577  0.735   1.00 23.52 ? 18  DA  B N6    1 
ATOM   361 N N1    . DA  B 1 6  ? -0.766  -0.642  1.467   1.00 16.33 ? 18  DA  B N1    1 
ATOM   362 C C2    . DA  B 1 6  ? -1.879  0.046   1.803   1.00 23.70 ? 18  DA  B C2    1 
ATOM   363 N N3    . DA  B 1 6  ? -3.132  -0.333  1.610   1.00 17.55 ? 18  DA  B N3    1 
ATOM   364 C C4    . DA  B 1 6  ? -3.175  -1.600  1.159   1.00 20.97 ? 18  DA  B C4    1 
ATOM   365 P P     . DT  B 1 7  ? -9.155  0.036   -0.583  1.00 45.56 ? 19  DT  B P     1 
ATOM   366 O OP1   . DT  B 1 7  ? -10.378 0.862   -0.281  1.00 59.24 ? 19  DT  B OP1   1 
ATOM   367 O OP2   . DT  B 1 7  ? -9.352  -1.099  -1.477  1.00 46.56 ? 19  DT  B OP2   1 
ATOM   368 O "O5'" . DT  B 1 7  ? -7.949  1.009   -0.914  1.00 32.28 ? 19  DT  B "O5'" 1 
ATOM   369 C "C5'" . DT  B 1 7  ? -7.657  1.747   0.353   1.00 37.06 ? 19  DT  B "C5'" 1 
ATOM   370 C "C4'" . DT  B 1 7  ? -6.515  2.654   0.030   1.00 31.88 ? 19  DT  B "C4'" 1 
ATOM   371 O "O4'" . DT  B 1 7  ? -5.356  1.814   0.002   1.00 29.41 ? 19  DT  B "O4'" 1 
ATOM   372 C "C3'" . DT  B 1 7  ? -6.607  3.352   -1.325  1.00 26.51 ? 19  DT  B "C3'" 1 
ATOM   373 O "O3'" . DT  B 1 7  ? -6.288  4.724   -1.231  1.00 35.36 ? 19  DT  B "O3'" 1 
ATOM   374 C "C2'" . DT  B 1 7  ? -5.582  2.546   -2.141  1.00 23.43 ? 19  DT  B "C2'" 1 
ATOM   375 C "C1'" . DT  B 1 7  ? -4.523  2.215   -1.088  1.00 18.46 ? 19  DT  B "C1'" 1 
ATOM   376 N N1    . DT  B 1 7  ? -3.613  1.140   -1.527  1.00 24.96 ? 19  DT  B N1    1 
ATOM   377 C C2    . DT  B 1 7  ? -2.248  1.343   -1.360  1.00 24.80 ? 19  DT  B C2    1 
ATOM   378 O O2    . DT  B 1 7  ? -1.828  2.432   -0.888  1.00 18.43 ? 19  DT  B O2    1 
ATOM   379 N N3    . DT  B 1 7  ? -1.396  0.328   -1.707  1.00 16.04 ? 19  DT  B N3    1 
ATOM   380 C C4    . DT  B 1 7  ? -1.846  -0.852  -2.227  1.00 18.39 ? 19  DT  B C4    1 
ATOM   381 O O4    . DT  B 1 7  ? -1.009  -1.728  -2.585  1.00 16.97 ? 19  DT  B O4    1 
ATOM   382 C C5    . DT  B 1 7  ? -3.249  -1.036  -2.402  1.00 24.04 ? 19  DT  B C5    1 
ATOM   383 C C7    . DT  B 1 7  ? -3.773  -2.325  -2.975  1.00 27.41 ? 19  DT  B C7    1 
ATOM   384 C C6    . DT  B 1 7  ? -4.082  -0.033  -2.053  1.00 18.28 ? 19  DT  B C6    1 
ATOM   385 P P     . DT  B 1 8  ? -6.304  5.967   -2.149  1.00 38.96 ? 20  DT  B P     1 
ATOM   386 O OP1   . DT  B 1 8  ? -6.746  7.212   -1.411  1.00 42.69 ? 20  DT  B OP1   1 
ATOM   387 O OP2   . DT  B 1 8  ? -7.103  5.616   -3.382  1.00 34.59 ? 20  DT  B OP2   1 
ATOM   388 O "O5'" . DT  B 1 8  ? -4.790  6.237   -2.610  1.00 31.87 ? 20  DT  B "O5'" 1 
ATOM   389 C "C5'" . DT  B 1 8  ? -3.997  6.960   -1.572  1.00 36.56 ? 20  DT  B "C5'" 1 
ATOM   390 C "C4'" . DT  B 1 8  ? -2.631  6.941   -2.233  1.00 30.02 ? 20  DT  B "C4'" 1 
ATOM   391 O "O4'" . DT  B 1 8  ? -2.200  5.625   -2.417  1.00 24.53 ? 20  DT  B "O4'" 1 
ATOM   392 C "C3'" . DT  B 1 8  ? -2.752  7.541   -3.641  1.00 29.79 ? 20  DT  B "C3'" 1 
ATOM   393 O "O3'" . DT  B 1 8  ? -2.257  8.837   -3.604  1.00 34.84 ? 20  DT  B "O3'" 1 
ATOM   394 C "C2'" . DT  B 1 8  ? -1.990  6.543   -4.506  1.00 27.73 ? 20  DT  B "C2'" 1 
ATOM   395 C "C1'" . DT  B 1 8  ? -1.296  5.625   -3.521  1.00 18.87 ? 20  DT  B "C1'" 1 
ATOM   396 N N1    . DT  B 1 8  ? -1.255  4.257   -4.054  1.00 17.58 ? 20  DT  B N1    1 
ATOM   397 C C2    . DT  B 1 8  ? -0.038  3.605   -4.111  1.00 23.27 ? 20  DT  B C2    1 
ATOM   398 O O2    . DT  B 1 8  ? 0.967   4.198   -3.756  1.00 23.52 ? 20  DT  B O2    1 
ATOM   399 N N3    . DT  B 1 8  ? -0.041  2.325   -4.581  1.00 21.05 ? 20  DT  B N3    1 
ATOM   400 C C4    . DT  B 1 8  ? -1.184  1.662   -4.937  1.00 19.95 ? 20  DT  B C4    1 
ATOM   401 O O4    . DT  B 1 8  ? -1.120  0.461   -5.285  1.00 27.25 ? 20  DT  B O4    1 
ATOM   402 C C5    . DT  B 1 8  ? -2.401  2.370   -4.894  1.00 19.04 ? 20  DT  B C5    1 
ATOM   403 C C7    . DT  B 1 8  ? -3.732  1.748   -5.235  1.00 27.70 ? 20  DT  B C7    1 
ATOM   404 C C6    . DT  B 1 8  ? -2.385  3.621   -4.401  1.00 17.94 ? 20  DT  B C6    1 
ATOM   405 P P     . DC  B 1 9  ? -1.314  9.840   -4.343  1.00 36.43 ? 21  DC  B P     1 
ATOM   406 O OP1   . DC  B 1 9  ? -0.842  10.877  -3.262  1.00 35.36 ? 21  DC  B OP1   1 
ATOM   407 O OP2   . DC  B 1 9  ? -2.196  10.561  -5.288  1.00 39.53 ? 21  DC  B OP2   1 
ATOM   408 O "O5'" . DC  B 1 9  ? -0.056  9.117   -4.886  1.00 34.59 ? 21  DC  B "O5'" 1 
ATOM   409 C "C5'" . DC  B 1 9  ? 1.140   9.023   -4.053  1.00 34.19 ? 21  DC  B "C5'" 1 
ATOM   410 C "C4'" . DC  B 1 9  ? 2.135   8.435   -5.061  1.00 32.16 ? 21  DC  B "C4'" 1 
ATOM   411 O "O4'" . DC  B 1 9  ? 1.706   7.163   -5.412  1.00 25.46 ? 21  DC  B "O4'" 1 
ATOM   412 C "C3'" . DC  B 1 9  ? 2.208   9.272   -6.352  1.00 31.76 ? 21  DC  B "C3'" 1 
ATOM   413 O "O3'" . DC  B 1 9  ? 3.376   10.062  -6.285  1.00 31.96 ? 21  DC  B "O3'" 1 
ATOM   414 C "C2'" . DC  B 1 9  ? 2.139   8.241   -7.473  1.00 29.21 ? 21  DC  B "C2'" 1 
ATOM   415 C "C1'" . DC  B 1 9  ? 2.215   6.918   -6.782  1.00 24.30 ? 21  DC  B "C1'" 1 
ATOM   416 N N1    . DC  B 1 9  ? 1.405   5.789   -7.231  1.00 15.62 ? 21  DC  B N1    1 
ATOM   417 C C2    . DC  B 1 9  ? 2.071   4.613   -7.408  1.00 20.39 ? 21  DC  B C2    1 
ATOM   418 O O2    . DC  B 1 9  ? 3.317   4.536   -7.295  1.00 20.46 ? 21  DC  B O2    1 
ATOM   419 N N3    . DC  B 1 9  ? 1.338   3.484   -7.709  1.00 20.67 ? 21  DC  B N3    1 
ATOM   420 C C4    . DC  B 1 9  ? -0.014  3.526   -7.826  1.00 17.77 ? 21  DC  B C4    1 
ATOM   421 N N4    . DC  B 1 9  ? -0.679  2.407   -8.074  1.00 10.03 ? 21  DC  B N4    1 
ATOM   422 C C5    . DC  B 1 9  ? -0.704  4.761   -7.643  1.00 15.79 ? 21  DC  B C5    1 
ATOM   423 C C6    . DC  B 1 9  ? 0.039   5.827   -7.309  1.00 19.37 ? 21  DC  B C6    1 
ATOM   424 P P     . DG  B 1 10 ? 3.942   11.012  -7.422  1.00 27.82 ? 22  DG  B P     1 
ATOM   425 O OP1   . DG  B 1 10 ? 4.948   11.964  -6.958  1.00 28.44 ? 22  DG  B OP1   1 
ATOM   426 O OP2   . DG  B 1 10 ? 2.678   11.556  -8.060  1.00 32.40 ? 22  DG  B OP2   1 
ATOM   427 O "O5'" . DG  B 1 10 ? 4.617   10.046  -8.539  1.00 36.47 ? 22  DG  B "O5'" 1 
ATOM   428 C "C5'" . DG  B 1 10 ? 5.846   9.387   -8.167  1.00 38.31 ? 22  DG  B "C5'" 1 
ATOM   429 C "C4'" . DG  B 1 10 ? 6.225   8.578   -9.387  1.00 30.08 ? 22  DG  B "C4'" 1 
ATOM   430 O "O4'" . DG  B 1 10 ? 5.395   7.441   -9.564  1.00 31.28 ? 22  DG  B "O4'" 1 
ATOM   431 C "C3'" . DG  B 1 10 ? 6.081   9.344   -10.712 1.00 33.45 ? 22  DG  B "C3'" 1 
ATOM   432 O "O3'" . DG  B 1 10 ? 7.027   8.809   -11.581 1.00 24.48 ? 22  DG  B "O3'" 1 
ATOM   433 C "C2'" . DG  B 1 10 ? 4.615   9.025   -11.114 1.00 24.85 ? 22  DG  B "C2'" 1 
ATOM   434 C "C1'" . DG  B 1 10 ? 4.696   7.540   -10.848 1.00 25.79 ? 22  DG  B "C1'" 1 
ATOM   435 N N9    . DG  B 1 10 ? 3.402   6.905   -10.811 1.00 20.85 ? 22  DG  B N9    1 
ATOM   436 C C8    . DG  B 1 10 ? 2.166   7.459   -10.558 1.00 25.60 ? 22  DG  B C8    1 
ATOM   437 N N7    . DG  B 1 10 ? 1.174   6.577   -10.605 1.00 18.20 ? 22  DG  B N7    1 
ATOM   438 C C5    . DG  B 1 10 ? 1.771   5.386   -10.907 1.00 17.80 ? 22  DG  B C5    1 
ATOM   439 C C6    . DG  B 1 10 ? 1.262   4.086   -11.042 1.00 20.05 ? 22  DG  B C6    1 
ATOM   440 O O6    . DG  B 1 10 ? 0.065   3.753   -10.936 1.00 24.77 ? 22  DG  B O6    1 
ATOM   441 N N1    . DG  B 1 10 ? 2.214   3.116   -11.338 1.00 21.70 ? 22  DG  B N1    1 
ATOM   442 C C2    . DG  B 1 10 ? 3.523   3.452   -11.467 1.00 16.89 ? 22  DG  B C2    1 
ATOM   443 N N2    . DG  B 1 10 ? 4.383   2.428   -11.685 1.00 23.38 ? 22  DG  B N2    1 
ATOM   444 N N3    . DG  B 1 10 ? 4.060   4.641   -11.327 1.00 18.53 ? 22  DG  B N3    1 
ATOM   445 C C4    . DG  B 1 10 ? 3.146   5.569   -11.057 1.00 22.03 ? 22  DG  B C4    1 
ATOM   446 P P     . DC  B 1 11 ? 8.163   9.579   -12.382 1.00 41.86 ? 23  DC  B P     1 
ATOM   447 O OP1   . DC  B 1 11 ? 9.068   10.312  -11.538 1.00 51.12 ? 23  DC  B OP1   1 
ATOM   448 O OP2   . DC  B 1 11 ? 7.211   10.365  -13.283 1.00 44.49 ? 23  DC  B OP2   1 
ATOM   449 O "O5'" . DC  B 1 11 ? 8.872   8.390   -13.210 1.00 42.13 ? 23  DC  B "O5'" 1 
ATOM   450 C "C5'" . DC  B 1 11 ? 8.482   7.134   -12.531 1.00 31.65 ? 23  DC  B "C5'" 1 
ATOM   451 C "C4'" . DC  B 1 11 ? 9.174   6.058   -13.289 1.00 28.76 ? 23  DC  B "C4'" 1 
ATOM   452 O "O4'" . DC  B 1 11 ? 8.189   5.035   -13.293 1.00 35.01 ? 23  DC  B "O4'" 1 
ATOM   453 C "C3'" . DC  B 1 11 ? 9.562   6.415   -14.701 1.00 28.37 ? 23  DC  B "C3'" 1 
ATOM   454 O "O3'" . DC  B 1 11 ? 10.784  5.821   -15.236 1.00 35.18 ? 23  DC  B "O3'" 1 
ATOM   455 C "C2'" . DC  B 1 11 ? 8.345   5.953   -15.472 1.00 31.46 ? 23  DC  B "C2'" 1 
ATOM   456 C "C1'" . DC  B 1 11 ? 7.641   4.971   -14.588 1.00 29.78 ? 23  DC  B "C1'" 1 
ATOM   457 N N1    . DC  B 1 11 ? 6.207   5.378   -14.513 1.00 28.15 ? 23  DC  B N1    1 
ATOM   458 C C2    . DC  B 1 11 ? 5.331   4.350   -14.611 1.00 24.27 ? 23  DC  B C2    1 
ATOM   459 O O2    . DC  B 1 11 ? 5.715   3.176   -14.689 1.00 30.20 ? 23  DC  B O2    1 
ATOM   460 N N3    . DC  B 1 11 ? 3.987   4.655   -14.533 1.00 29.08 ? 23  DC  B N3    1 
ATOM   461 C C4    . DC  B 1 11 ? 3.554   5.932   -14.380 1.00 22.95 ? 23  DC  B C4    1 
ATOM   462 N N4    . DC  B 1 11 ? 2.276   6.186   -14.365 1.00 18.23 ? 23  DC  B N4    1 
ATOM   463 C C5    . DC  B 1 11 ? 4.516   7.010   -14.326 1.00 26.36 ? 23  DC  B C5    1 
ATOM   464 C C6    . DC  B 1 11 ? 5.807   6.676   -14.338 1.00 16.48 ? 23  DC  B C6    1 
ATOM   465 P P     . DG  B 1 12 ? 11.139  6.195   -16.778 1.00 35.15 ? 24  DG  B P     1 
ATOM   466 O OP1   . DG  B 1 12 ? 12.653  6.315   -16.948 1.00 49.08 ? 24  DG  B OP1   1 
ATOM   467 O OP2   . DG  B 1 12 ? 10.465  7.519   -16.957 1.00 44.48 ? 24  DG  B OP2   1 
ATOM   468 O "O5'" . DG  B 1 12 ? 10.629  5.046   -17.714 1.00 34.47 ? 24  DG  B "O5'" 1 
ATOM   469 C "C5'" . DG  B 1 12 ? 11.140  3.725   -17.823 1.00 27.21 ? 24  DG  B "C5'" 1 
ATOM   470 C "C4'" . DG  B 1 12 ? 9.978   2.876   -18.338 1.00 33.39 ? 24  DG  B "C4'" 1 
ATOM   471 O "O4'" . DG  B 1 12 ? 8.800   3.012   -17.544 1.00 20.98 ? 24  DG  B "O4'" 1 
ATOM   472 C "C3'" . DG  B 1 12 ? 9.542   3.245   -19.747 1.00 31.76 ? 24  DG  B "C3'" 1 
ATOM   473 O "O3'" . DG  B 1 12 ? 10.461  2.763   -20.750 1.00 41.00 ? 24  DG  B "O3'" 1 
ATOM   474 C "C2'" . DG  B 1 12 ? 8.172   2.576   -19.825 1.00 29.14 ? 24  DG  B "C2'" 1 
ATOM   475 C "C1'" . DG  B 1 12 ? 7.690   2.623   -18.417 1.00 21.37 ? 24  DG  B "C1'" 1 
ATOM   476 N N9    . DG  B 1 12 ? 6.637   3.641   -18.264 1.00 25.15 ? 24  DG  B N9    1 
ATOM   477 C C8    . DG  B 1 12 ? 6.867   4.991   -18.108 1.00 28.05 ? 24  DG  B C8    1 
ATOM   478 N N7    . DG  B 1 12 ? 5.783   5.696   -17.983 1.00 24.12 ? 24  DG  B N7    1 
ATOM   479 C C5    . DG  B 1 12 ? 4.770   4.731   -18.065 1.00 23.50 ? 24  DG  B C5    1 
ATOM   480 C C6    . DG  B 1 12 ? 3.351   4.868   -18.002 1.00 21.18 ? 24  DG  B C6    1 
ATOM   481 O O6    . DG  B 1 12 ? 2.718   5.897   -17.858 1.00 24.06 ? 24  DG  B O6    1 
ATOM   482 N N1    . DG  B 1 12 ? 2.692   3.702   -18.237 1.00 18.90 ? 24  DG  B N1    1 
ATOM   483 C C2    . DG  B 1 12 ? 3.290   2.526   -18.486 1.00 23.48 ? 24  DG  B C2    1 
ATOM   484 N N2    . DG  B 1 12 ? 2.497   1.481   -18.657 1.00 20.75 ? 24  DG  B N2    1 
ATOM   485 N N3    . DG  B 1 12 ? 4.637   2.322   -18.423 1.00 27.34 ? 24  DG  B N3    1 
ATOM   486 C C4    . DG  B 1 12 ? 5.290   3.487   -18.268 1.00 14.81 ? 24  DG  B C4    1 
HETATM 487 C C1    . PNT C 2 .  ? 2.315   6.727   -1.540  1.00 55.35 ? 25  PNT B C1    1 
HETATM 488 C C2    . PNT C 2 .  ? 2.500   5.404   -1.736  1.00 55.72 ? 25  PNT B C2    1 
HETATM 489 C C3    . PNT C 2 .  ? 3.435   4.990   -2.659  1.00 59.36 ? 25  PNT B C3    1 
HETATM 490 C C4    . PNT C 2 .  ? 4.256   5.887   -3.339  1.00 60.03 ? 25  PNT B C4    1 
HETATM 491 C C5    . PNT C 2 .  ? 4.062   7.218   -3.089  1.00 60.24 ? 25  PNT B C5    1 
HETATM 492 C C6    . PNT C 2 .  ? 3.139   7.646   -2.209  1.00 58.21 ? 25  PNT B C6    1 
HETATM 493 C C7    . PNT C 2 .  ? 0.410   5.979   -0.625  1.00 55.63 ? 25  PNT B C7    1 
HETATM 494 C C8    . PNT C 2 .  ? -0.428  6.581   0.490   1.00 56.24 ? 25  PNT B C8    1 
HETATM 495 C C9    . PNT C 2 .  ? 5.192   5.487   -4.233  1.00 60.61 ? 25  PNT B C9    1 
HETATM 496 C C10   . PNT C 2 .  ? -1.018  5.260   0.885   1.00 53.76 ? 25  PNT B C10   1 
HETATM 497 C "C1'" . PNT C 2 .  ? -4.577  3.144   3.259   1.00 61.94 ? 25  PNT B "C1'" 1 
HETATM 498 C "C2'" . PNT C 2 .  ? -3.840  2.027   3.272   1.00 63.41 ? 25  PNT B "C2'" 1 
HETATM 499 C "C3'" . PNT C 2 .  ? -4.393  0.890   3.796   1.00 67.16 ? 25  PNT B "C3'" 1 
HETATM 500 C "C4'" . PNT C 2 .  ? -5.690  0.860   4.299   1.00 63.17 ? 25  PNT B "C4'" 1 
HETATM 501 C "C5'" . PNT C 2 .  ? -6.419  1.985   4.268   1.00 65.16 ? 25  PNT B "C5'" 1 
HETATM 502 C "C6'" . PNT C 2 .  ? -5.869  3.139   3.758   1.00 64.70 ? 25  PNT B "C6'" 1 
HETATM 503 C "C7'" . PNT C 2 .  ? -2.846  4.001   2.043   1.00 58.43 ? 25  PNT B "C7'" 1 
HETATM 504 C "C8'" . PNT C 2 .  ? -2.340  5.376   1.581   1.00 56.70 ? 25  PNT B "C8'" 1 
HETATM 505 C "C9'" . PNT C 2 .  ? -6.235  -0.274  4.789   1.00 63.65 ? 25  PNT B "C9'" 1 
HETATM 506 O O1    . PNT C 2 .  ? 1.369   7.106   -0.736  1.00 56.54 ? 25  PNT B O1    1 
HETATM 507 O "O1'" . PNT C 2 .  ? -4.069  4.244   2.800   1.00 63.11 ? 25  PNT B "O1'" 1 
HETATM 508 N N1    . PNT C 2 .  ? 5.246   4.184   -4.582  1.00 54.11 ? 25  PNT B N1    1 
HETATM 509 N N2    . PNT C 2 .  ? 6.009   6.394   -4.872  1.00 61.00 ? 25  PNT B N2    1 
HETATM 510 N "N1'" . PNT C 2 .  ? -5.547  -1.434  4.689   1.00 67.47 ? 25  PNT B "N1'" 1 
HETATM 511 N "N2'" . PNT C 2 .  ? -7.495  -0.263  5.361   1.00 65.48 ? 25  PNT B "N2'" 1 
HETATM 512 O O     . HOH D 3 .  ? -11.651 2.994   11.069  1.00 67.15 ? 27  HOH A O     1 
HETATM 513 O O     . HOH D 3 .  ? -11.031 6.878   9.243   1.00 35.66 ? 29  HOH A O     1 
HETATM 514 O O     . HOH D 3 .  ? -1.277  4.026   10.920  1.00 41.19 ? 30  HOH A O     1 
HETATM 515 O O     . HOH D 3 .  ? 4.387   -2.035  5.732   1.00 29.82 ? 31  HOH A O     1 
HETATM 516 O O     . HOH D 3 .  ? 7.008   -8.711  -14.602 1.00 57.30 ? 34  HOH A O     1 
HETATM 517 O O     . HOH D 3 .  ? -11.066 -8.934  15.190  1.00 42.54 ? 35  HOH A O     1 
HETATM 518 O O     . HOH D 3 .  ? -13.489 -10.249 9.756   1.00 29.89 ? 36  HOH A O     1 
HETATM 519 O O     . HOH D 3 .  ? 7.174   2.746   3.816   1.00 41.27 ? 39  HOH A O     1 
HETATM 520 O O     . HOH D 3 .  ? 9.349   0.940   3.016   1.00 25.73 ? 40  HOH A O     1 
HETATM 521 O O     . HOH D 3 .  ? 5.881   3.259   5.800   1.00 37.14 ? 44  HOH A O     1 
HETATM 522 O O     . HOH D 3 .  ? -1.758  -1.210  -8.708  1.00 32.32 ? 47  HOH A O     1 
HETATM 523 O O     . HOH D 3 .  ? 4.836   -8.708  -13.856 1.00 22.39 ? 48  HOH A O     1 
HETATM 524 O O     . HOH D 3 .  ? -13.407 -8.211  8.630   1.00 36.99 ? 49  HOH A O     1 
HETATM 525 O O     . HOH D 3 .  ? -0.062  10.471  6.520   1.00 40.65 ? 52  HOH A O     1 
HETATM 526 O O     . HOH D 3 .  ? 8.853   -0.125  0.403   1.00 33.39 ? 53  HOH A O     1 
HETATM 527 O O     . HOH D 3 .  ? 4.490   4.657   7.295   1.00 32.82 ? 55  HOH A O     1 
HETATM 528 O O     . HOH D 3 .  ? -0.897  8.167   -14.834 1.00 36.57 ? 57  HOH A O     1 
HETATM 529 O O     . HOH D 3 .  ? 11.122  8.114   0.851   1.00 37.39 ? 59  HOH A O     1 
HETATM 530 O O     . HOH D 3 .  ? -3.535  2.795   -13.669 1.00 21.42 ? 61  HOH A O     1 
HETATM 531 O O     . HOH D 3 .  ? 0.638   8.821   8.286   1.00 55.95 ? 63  HOH A O     1 
HETATM 532 O O     . HOH D 3 .  ? 12.380  1.140   0.393   1.00 34.68 ? 64  HOH A O     1 
HETATM 533 O O     . HOH D 3 .  ? -10.775 -7.206  7.537   1.00 41.66 ? 66  HOH A O     1 
HETATM 534 O O     . HOH D 3 .  ? -7.021  -2.244  7.807   1.00 50.87 ? 73  HOH A O     1 
HETATM 535 O O     . HOH D 3 .  ? -12.682 -4.604  15.629  1.00 44.41 ? 76  HOH A O     1 
HETATM 536 O O     . HOH D 3 .  ? 1.188   6.059   8.324   1.00 40.29 ? 79  HOH A O     1 
HETATM 537 O O     . HOH D 3 .  ? -12.537 5.515   11.673  1.00 49.57 ? 83  HOH A O     1 
HETATM 538 O O     . HOH D 3 .  ? -1.801  -7.044  -18.572 1.00 53.26 ? 85  HOH A O     1 
HETATM 539 O O     . HOH D 3 .  ? -10.539 4.882   7.501   1.00 59.14 ? 86  HOH A O     1 
HETATM 540 O O     . HOH D 3 .  ? 7.916   9.070   1.043   1.00 47.20 ? 88  HOH A O     1 
HETATM 541 O O     . HOH D 3 .  ? -14.436 -3.740  12.190  1.00 55.00 ? 92  HOH A O     1 
HETATM 542 O O     . HOH D 3 .  ? -12.713 1.581   8.807   1.00 58.61 ? 93  HOH A O     1 
HETATM 543 O O     . HOH D 3 .  ? -8.080  6.261   7.315   1.00 39.05 ? 94  HOH A O     1 
HETATM 544 O O     . HOH D 3 .  ? 4.202   -4.763  -2.178  1.00 39.40 ? 96  HOH A O     1 
HETATM 545 O O     . HOH D 3 .  ? 3.868   10.302  1.606   1.00 39.09 ? 97  HOH A O     1 
HETATM 546 O O     . HOH D 3 .  ? 2.350   -4.195  -5.351  1.00 56.52 ? 98  HOH A O     1 
HETATM 547 O O     . HOH D 3 .  ? 1.074   9.538   -13.995 1.00 59.61 ? 100 HOH A O     1 
HETATM 548 O O     . HOH D 3 .  ? 13.391  10.769  1.038   1.00 64.56 ? 102 HOH A O     1 
HETATM 549 O O     . HOH E 3 .  ? 1.473   -0.173  14.477  1.00 40.51 ? 26  HOH B O     1 
HETATM 550 O O     . HOH E 3 .  ? -2.319  8.501   -7.314  1.00 55.11 ? 28  HOH B O     1 
HETATM 551 O O     . HOH E 3 .  ? -9.915  -5.399  -1.827  1.00 50.04 ? 32  HOH B O     1 
HETATM 552 O O     . HOH E 3 .  ? 1.166   13.235  -4.332  1.00 34.55 ? 33  HOH B O     1 
HETATM 553 O O     . HOH E 3 .  ? 3.842   -1.328  11.999  1.00 54.87 ? 37  HOH B O     1 
HETATM 554 O O     . HOH E 3 .  ? 6.392   -9.359  8.198   1.00 44.44 ? 38  HOH B O     1 
HETATM 555 O O     . HOH E 3 .  ? -7.492  7.408   -5.734  1.00 57.15 ? 41  HOH B O     1 
HETATM 556 O O     . HOH E 3 .  ? 6.702   -5.931  20.205  1.00 25.50 ? 42  HOH B O     1 
HETATM 557 O O     . HOH E 3 .  ? 6.370   -11.476 14.300  1.00 33.61 ? 43  HOH B O     1 
HETATM 558 O O     . HOH E 3 .  ? -8.426  9.458   -1.710  1.00 41.76 ? 45  HOH B O     1 
HETATM 559 O O     . HOH E 3 .  ? -12.441 -5.592  -4.000  1.00 42.82 ? 46  HOH B O     1 
HETATM 560 O O     . HOH E 3 .  ? 1.371   12.978  -6.062  1.00 37.29 ? 50  HOH B O     1 
HETATM 561 O O     . HOH E 3 .  ? 5.756   -3.539  10.043  1.00 38.68 ? 51  HOH B O     1 
HETATM 562 O O     . HOH E 3 .  ? 1.407   11.810  -1.847  1.00 50.43 ? 54  HOH B O     1 
HETATM 563 O O     . HOH E 3 .  ? -6.727  -4.200  -3.070  1.00 45.38 ? 56  HOH B O     1 
HETATM 564 O O     . HOH E 3 .  ? 3.268   -2.777  8.229   1.00 49.40 ? 58  HOH B O     1 
HETATM 565 O O     . HOH E 3 .  ? -3.948  3.802   -8.301  1.00 50.65 ? 60  HOH B O     1 
HETATM 566 O O     . HOH E 3 .  ? -2.395  4.538   -11.028 1.00 24.73 ? 62  HOH B O     1 
HETATM 567 O O     . HOH E 3 .  ? 6.262   4.707   -10.575 1.00 34.41 ? 65  HOH B O     1 
HETATM 568 O O     . HOH E 3 .  ? 8.316   -7.884  20.689  1.00 64.45 ? 67  HOH B O     1 
HETATM 569 O O     . HOH E 3 .  ? -2.069  9.224   -1.233  1.00 44.56 ? 68  HOH B O     1 
HETATM 570 O O     . HOH E 3 .  ? 7.996   -7.068  18.082  1.00 62.30 ? 69  HOH B O     1 
HETATM 571 O O     . HOH E 3 .  ? 4.395   -5.497  5.003   1.00 54.26 ? 70  HOH B O     1 
HETATM 572 O O     . HOH E 3 .  ? -5.596  9.356   0.819   1.00 42.69 ? 71  HOH B O     1 
HETATM 573 O O     . HOH E 3 .  ? 8.879   -4.631  18.506  1.00 73.89 ? 72  HOH B O     1 
HETATM 574 O O     . HOH E 3 .  ? -3.664  13.143  -5.919  1.00 34.65 ? 74  HOH B O     1 
HETATM 575 O O     . HOH E 3 .  ? 1.686   11.021  -10.492 1.00 41.98 ? 75  HOH B O     1 
HETATM 576 O O     . HOH E 3 .  ? 6.366   -4.582  12.416  1.00 39.66 ? 77  HOH B O     1 
HETATM 577 O O     . HOH E 3 .  ? 5.668   -6.862  9.255   1.00 48.42 ? 78  HOH B O     1 
HETATM 578 O O     . HOH E 3 .  ? -6.697  5.796   1.283   1.00 71.01 ? 80  HOH B O     1 
HETATM 579 O O     . HOH E 3 .  ? -0.207  -5.377  -1.019  1.00 29.42 ? 81  HOH B O     1 
HETATM 580 O O     . HOH E 3 .  ? -5.927  9.983   -4.914  1.00 60.77 ? 82  HOH B O     1 
HETATM 581 O O     . HOH E 3 .  ? -1.907  14.595  -8.492  1.00 60.23 ? 84  HOH B O     1 
HETATM 582 O O     . HOH E 3 .  ? -7.422  1.893   -4.824  1.00 57.36 ? 87  HOH B O     1 
HETATM 583 O O     . HOH E 3 .  ? -2.625  1.113   -8.878  1.00 57.81 ? 89  HOH B O     1 
HETATM 584 O O     . HOH E 3 .  ? -5.193  4.266   -11.711 1.00 29.30 ? 90  HOH B O     1 
HETATM 585 O O     . HOH E 3 .  ? 8.164   8.113   -17.496 1.00 51.06 ? 91  HOH B O     1 
HETATM 586 O O     . HOH E 3 .  ? -6.960  7.115   3.604   1.00 50.35 ? 95  HOH B O     1 
HETATM 587 O O     . HOH E 3 .  ? -0.943  7.020   -10.620 1.00 33.06 ? 99  HOH B O     1 
HETATM 588 O O     . HOH E 3 .  ? -9.623  11.067  -3.733  1.00 58.63 ? 101 HOH B O     1 
# 
